data_7AHZ
#
_entry.id   7AHZ
#
_cell.length_a   55.030
_cell.length_b   153.150
_cell.length_c   82.080
_cell.angle_alpha   90.000
_cell.angle_beta   107.010
_cell.angle_gamma   90.000
#
_symmetry.space_group_name_H-M   'P 1 21 1'
#
loop_
_entity.id
_entity.type
_entity.pdbx_description
1 polymer 'E3 ubiquitin-protein ligase Mdm2'
2 polymer 'Ubiquitin-conjugating enzyme E2D 2 (UBC4/5 homolog, yeast)'
3 polymer Polyubiquitin-B
4 non-polymer 'ZINC ION'
5 non-polymer 'CHLORIDE ION'
6 water water
#
loop_
_entity_poly.entity_id
_entity_poly.type
_entity_poly.pdbx_seq_one_letter_code
_entity_poly.pdbx_strand_id
1 'polypeptide(L)' GSDESMEPSLPLTSVEPCVICQTRPKNGCIVHGRTGHLMACYTCAKKLKKRNKPCPVCREPIQMIVLTYFS AAA,DDD,GGG,JJJ
2 'polypeptide(L)'
;MALKRIHKELNDLARDPPAQCRAGPVGDDMFHWQATIMGPNDSPYQGGVFFLTIHFPTDYPFKPPKVAFTTRIYHPNINS
NGSIKLDILRSQWSPALTISKVLLSICSLLCDPNPDDPLVPEIARIYKTDREKYNRIAREWTQKYAM
;
BBB,EEE,HHH,KKK
3 'polypeptide(L)'
;GSGGSMQIFVKTLTGKTITLEVEPSDTIENVKAKIQDKEGIPPDQQRLIFAGKQLEDGRTLSDYNIQKESTLHLVLRLRG
G
;
CCC,FFF,III,LLL
#
loop_
_chem_comp.id
_chem_comp.type
_chem_comp.name
_chem_comp.formula
CL non-polymer 'CHLORIDE ION' 'Cl -1'
ZN non-polymer 'ZINC ION' 'Zn 2'
#
# COMPACT_ATOMS: atom_id res chain seq x y z
N GLU A 16 1.17 28.45 4.46
CA GLU A 16 2.55 29.02 4.40
C GLU A 16 2.79 29.68 3.04
N PRO A 17 3.70 30.67 2.95
CA PRO A 17 3.86 31.42 1.72
C PRO A 17 4.65 30.67 0.65
N CYS A 18 4.65 31.21 -0.56
CA CYS A 18 5.50 30.81 -1.70
C CYS A 18 6.89 30.39 -1.20
N VAL A 19 7.38 29.22 -1.61
CA VAL A 19 8.69 28.72 -1.10
C VAL A 19 9.84 29.53 -1.69
N ILE A 20 9.61 30.29 -2.77
CA ILE A 20 10.67 31.05 -3.48
C ILE A 20 10.85 32.43 -2.83
N CYS A 21 9.81 33.25 -2.75
CA CYS A 21 9.90 34.66 -2.27
C CYS A 21 9.54 34.74 -0.78
N GLN A 22 8.82 33.76 -0.24
CA GLN A 22 8.38 33.72 1.18
C GLN A 22 7.49 34.92 1.53
N THR A 23 6.91 35.62 0.55
CA THR A 23 6.11 36.84 0.82
C THR A 23 4.66 36.64 0.35
N ARG A 24 4.49 36.15 -0.86
CA ARG A 24 3.15 36.01 -1.48
C ARG A 24 2.61 34.61 -1.20
N PRO A 25 1.29 34.43 -1.25
CA PRO A 25 0.69 33.12 -1.03
C PRO A 25 1.01 32.13 -2.16
N LYS A 26 0.80 30.85 -1.89
CA LYS A 26 0.97 29.78 -2.90
C LYS A 26 -0.27 29.80 -3.80
N ASN A 27 -0.28 30.67 -4.79
CA ASN A 27 -1.46 30.85 -5.66
C ASN A 27 -1.07 30.70 -7.13
N GLY A 28 0.15 30.25 -7.41
CA GLY A 28 0.68 30.09 -8.78
C GLY A 28 0.77 28.63 -9.19
N CYS A 29 -0.32 28.07 -9.67
CA CYS A 29 -0.32 26.62 -9.99
C CYS A 29 0.49 26.38 -11.26
N ILE A 30 1.54 25.56 -11.16
CA ILE A 30 2.41 25.22 -12.31
C ILE A 30 1.78 24.03 -13.00
N VAL A 31 1.22 24.26 -14.18
CA VAL A 31 0.43 23.23 -14.89
C VAL A 31 1.32 22.58 -15.97
N HIS A 32 1.30 21.26 -15.98
CA HIS A 32 1.99 20.40 -16.98
C HIS A 32 1.07 19.22 -17.30
N GLY A 33 0.45 19.27 -18.47
CA GLY A 33 -0.56 18.26 -18.86
C GLY A 33 -1.79 18.39 -17.98
N ARG A 34 -2.17 17.32 -17.31
CA ARG A 34 -3.41 17.27 -16.51
C ARG A 34 -3.11 17.53 -15.04
N THR A 35 -1.83 17.78 -14.69
CA THR A 35 -1.45 17.90 -13.27
C THR A 35 -0.81 19.26 -13.03
N GLY A 36 -0.78 19.67 -11.78
CA GLY A 36 -0.19 20.95 -11.38
C GLY A 36 0.48 20.81 -10.06
N HIS A 37 1.57 21.54 -9.89
CA HIS A 37 2.24 21.68 -8.58
C HIS A 37 2.05 23.10 -8.08
N LEU A 38 1.45 23.22 -6.91
CA LEU A 38 1.18 24.51 -6.27
C LEU A 38 2.07 24.65 -5.04
N MET A 39 3.15 25.41 -5.18
CA MET A 39 4.13 25.61 -4.08
C MET A 39 4.69 27.03 -4.15
N ALA A 40 4.28 27.80 -5.15
CA ALA A 40 4.87 29.10 -5.47
C ALA A 40 3.73 30.07 -5.73
N CYS A 41 4.05 31.36 -5.66
CA CYS A 41 3.08 32.41 -6.04
C CYS A 41 3.04 32.50 -7.57
N TYR A 42 2.02 33.16 -8.06
CA TYR A 42 1.81 33.43 -9.47
C TYR A 42 3.05 34.14 -10.05
N THR A 43 3.54 35.16 -9.35
CA THR A 43 4.69 35.97 -9.81
C THR A 43 5.90 35.08 -10.01
N CYS A 44 6.28 34.29 -9.00
CA CYS A 44 7.50 33.46 -9.04
C CYS A 44 7.31 32.36 -10.09
N ALA A 45 6.13 31.73 -10.17
CA ALA A 45 5.85 30.66 -11.17
C ALA A 45 5.97 31.23 -12.58
N LYS A 46 5.43 32.42 -12.82
CA LYS A 46 5.51 33.10 -14.14
C LYS A 46 6.96 33.35 -14.54
N LYS A 47 7.78 33.79 -13.58
CA LYS A 47 9.22 34.02 -13.82
C LYS A 47 9.85 32.72 -14.33
N LEU A 48 9.54 31.58 -13.69
CA LEU A 48 10.08 30.28 -14.14
C LEU A 48 9.62 29.97 -15.56
N LYS A 49 8.33 30.15 -15.85
CA LYS A 49 7.80 29.86 -17.19
C LYS A 49 8.51 30.77 -18.20
N LYS A 50 8.61 32.04 -17.90
CA LYS A 50 9.20 33.04 -18.84
C LYS A 50 10.68 32.71 -19.10
N ARG A 51 11.38 32.14 -18.12
CA ARG A 51 12.81 31.73 -18.26
C ARG A 51 12.92 30.32 -18.85
N ASN A 52 11.82 29.70 -19.29
CA ASN A 52 11.79 28.33 -19.88
C ASN A 52 12.35 27.31 -18.87
N LYS A 53 12.09 27.50 -17.58
CA LYS A 53 12.55 26.56 -16.54
C LYS A 53 11.49 25.50 -16.32
N PRO A 54 11.87 24.28 -15.89
CA PRO A 54 10.86 23.25 -15.65
C PRO A 54 10.21 23.47 -14.28
N CYS A 55 9.20 22.67 -14.00
CA CYS A 55 8.54 22.64 -12.69
C CYS A 55 9.63 22.37 -11.65
N PRO A 56 9.71 23.17 -10.57
CA PRO A 56 10.72 22.96 -9.54
C PRO A 56 10.61 21.65 -8.76
N VAL A 57 9.44 21.03 -8.70
CA VAL A 57 9.32 19.79 -7.87
C VAL A 57 9.37 18.54 -8.73
N CYS A 58 8.99 18.55 -10.00
CA CYS A 58 8.90 17.31 -10.80
C CYS A 58 9.69 17.41 -12.11
N ARG A 59 10.20 18.58 -12.47
CA ARG A 59 11.05 18.86 -13.66
C ARG A 59 10.28 18.69 -14.97
N GLU A 60 8.95 18.58 -14.96
CA GLU A 60 8.16 18.63 -16.21
C GLU A 60 8.23 20.04 -16.80
N PRO A 61 8.25 20.18 -18.14
CA PRO A 61 8.12 21.51 -18.74
C PRO A 61 6.79 22.15 -18.33
N ILE A 62 6.80 23.47 -18.18
CA ILE A 62 5.61 24.20 -17.72
C ILE A 62 4.75 24.54 -18.92
N GLN A 63 3.51 24.08 -18.94
CA GLN A 63 2.55 24.48 -20.00
C GLN A 63 1.96 25.86 -19.68
N MET A 64 1.59 26.11 -18.43
CA MET A 64 0.93 27.39 -18.08
C MET A 64 0.92 27.57 -16.57
N ILE A 65 0.79 28.82 -16.16
CA ILE A 65 0.64 29.19 -14.74
C ILE A 65 -0.82 29.60 -14.56
N VAL A 66 -1.48 29.05 -13.56
CA VAL A 66 -2.88 29.40 -13.26
C VAL A 66 -2.91 30.13 -11.93
N LEU A 67 -3.51 31.32 -11.92
CA LEU A 67 -3.73 32.04 -10.65
C LEU A 67 -4.85 31.33 -9.90
N THR A 68 -4.51 30.69 -8.80
CA THR A 68 -5.39 29.72 -8.10
C THR A 68 -5.96 30.38 -6.84
N TYR A 69 -7.26 30.35 -6.71
CA TYR A 69 -7.99 30.82 -5.52
C TYR A 69 -8.53 29.62 -4.77
N PHE A 70 -8.24 29.52 -3.48
CA PHE A 70 -8.72 28.40 -2.62
C PHE A 70 -10.11 28.78 -2.08
N SER A 71 -11.12 28.68 -2.90
CA SER A 71 -12.53 29.02 -2.53
C SER A 71 -12.95 28.18 -1.32
N ALA B 2 16.39 37.38 -2.31
CA ALA B 2 17.12 36.19 -1.75
C ALA B 2 17.08 36.21 -0.22
N LEU B 3 17.11 37.40 0.39
CA LEU B 3 17.37 37.50 1.85
C LEU B 3 16.24 36.84 2.63
N LYS B 4 14.99 37.04 2.25
CA LYS B 4 13.87 36.49 3.05
C LYS B 4 13.90 34.94 2.94
N ARG B 5 14.27 34.42 1.77
CA ARG B 5 14.32 32.96 1.53
C ARG B 5 15.47 32.38 2.38
N ILE B 6 16.62 33.06 2.38
CA ILE B 6 17.79 32.63 3.18
C ILE B 6 17.44 32.65 4.67
N HIS B 7 16.76 33.69 5.17
CA HIS B 7 16.36 33.78 6.60
C HIS B 7 15.40 32.64 6.95
N LYS B 8 14.43 32.36 6.08
CA LYS B 8 13.48 31.26 6.28
C LYS B 8 14.25 29.94 6.42
N GLU B 9 15.22 29.69 5.54
CA GLU B 9 16.01 28.42 5.58
C GLU B 9 16.75 28.37 6.94
N LEU B 10 17.34 29.47 7.37
CA LEU B 10 18.10 29.52 8.65
C LEU B 10 17.13 29.23 9.80
N ASN B 11 15.95 29.86 9.81
CA ASN B 11 14.96 29.66 10.89
C ASN B 11 14.51 28.19 10.92
N ASP B 12 14.36 27.56 9.74
CA ASP B 12 13.94 26.14 9.65
C ASP B 12 15.05 25.23 10.21
N LEU B 13 16.31 25.53 9.91
CA LEU B 13 17.48 24.77 10.41
C LEU B 13 17.55 24.88 11.94
N ALA B 14 17.29 26.08 12.49
CA ALA B 14 17.26 26.34 13.96
C ALA B 14 16.16 25.51 14.59
N ARG B 15 14.97 25.48 13.97
CA ARG B 15 13.76 24.81 14.50
C ARG B 15 13.91 23.28 14.43
N ASP B 16 14.52 22.75 13.37
CA ASP B 16 14.64 21.29 13.12
C ASP B 16 16.06 20.93 12.68
N PRO B 17 17.06 20.93 13.58
CA PRO B 17 18.45 20.72 13.14
C PRO B 17 18.62 19.38 12.42
N PRO B 18 19.06 19.36 11.15
CA PRO B 18 19.21 18.08 10.44
C PRO B 18 20.13 17.11 11.21
N ALA B 19 19.86 15.82 11.08
CA ALA B 19 20.73 14.73 11.58
C ALA B 19 22.06 14.71 10.80
N GLN B 20 22.00 14.77 9.47
CA GLN B 20 23.18 14.50 8.61
C GLN B 20 24.06 15.74 8.49
N CYS B 21 23.48 16.95 8.43
CA CYS B 21 24.24 18.18 8.08
C CYS B 21 23.86 19.35 8.97
N ARG B 22 24.73 20.35 9.05
CA ARG B 22 24.49 21.64 9.75
C ARG B 22 24.98 22.73 8.81
N ALA B 23 24.39 23.91 8.91
CA ALA B 23 24.79 25.07 8.09
C ALA B 23 24.30 26.35 8.77
N GLY B 24 25.06 27.40 8.59
CA GLY B 24 24.69 28.73 9.07
C GLY B 24 25.66 29.76 8.52
N PRO B 25 25.27 31.04 8.63
CA PRO B 25 26.09 32.14 8.13
C PRO B 25 27.48 32.21 8.80
N VAL B 26 28.47 32.61 8.02
CA VAL B 26 29.82 33.01 8.52
C VAL B 26 29.69 34.47 8.90
N GLY B 27 29.84 34.79 10.19
CA GLY B 27 29.67 36.16 10.72
C GLY B 27 28.28 36.72 10.40
N ASP B 28 28.22 37.98 9.98
CA ASP B 28 26.95 38.72 9.74
C ASP B 28 26.63 38.76 8.25
N ASP B 29 27.42 38.07 7.41
CA ASP B 29 27.20 37.98 5.95
C ASP B 29 26.24 36.81 5.67
N MET B 30 24.97 37.12 5.50
CA MET B 30 23.88 36.14 5.25
C MET B 30 24.11 35.34 3.95
N PHE B 31 24.92 35.84 3.02
CA PHE B 31 25.16 35.24 1.69
C PHE B 31 26.37 34.29 1.68
N HIS B 32 27.03 34.14 2.82
CA HIS B 32 28.21 33.25 2.96
C HIS B 32 27.97 32.31 4.13
N TRP B 33 27.76 31.03 3.84
CA TRP B 33 27.48 30.03 4.89
C TRP B 33 28.62 29.04 4.99
N GLN B 34 28.71 28.46 6.18
CA GLN B 34 29.61 27.34 6.52
C GLN B 34 28.68 26.17 6.76
N ALA B 35 29.06 25.00 6.27
CA ALA B 35 28.23 23.79 6.46
C ALA B 35 29.13 22.64 6.87
N THR B 36 28.55 21.67 7.56
CA THR B 36 29.18 20.37 7.87
C THR B 36 28.27 19.26 7.36
N ILE B 37 28.88 18.21 6.81
CA ILE B 37 28.21 16.93 6.51
C ILE B 37 28.89 15.83 7.34
N MET B 38 28.12 14.98 7.99
CA MET B 38 28.61 13.72 8.60
C MET B 38 28.75 12.68 7.49
N GLY B 39 29.93 12.08 7.39
CA GLY B 39 30.15 10.94 6.50
C GLY B 39 29.09 9.87 6.78
N PRO B 40 28.48 9.24 5.76
CA PRO B 40 27.49 8.19 6.02
C PRO B 40 28.14 6.99 6.73
N ASN B 41 27.39 6.40 7.68
CA ASN B 41 27.74 5.10 8.32
C ASN B 41 27.96 4.03 7.24
N ASP B 42 28.83 3.06 7.53
CA ASP B 42 29.09 1.89 6.67
C ASP B 42 29.51 2.36 5.27
N SER B 43 30.50 3.23 5.25
CA SER B 43 31.12 3.79 4.02
C SER B 43 32.56 4.12 4.36
N PRO B 44 33.43 4.33 3.36
CA PRO B 44 34.80 4.80 3.61
C PRO B 44 34.87 6.17 4.31
N TYR B 45 33.76 6.91 4.39
CA TYR B 45 33.68 8.28 4.96
C TYR B 45 33.14 8.25 6.38
N GLN B 46 32.85 7.07 6.91
CA GLN B 46 32.20 6.93 8.24
C GLN B 46 33.07 7.61 9.30
N GLY B 47 32.45 8.28 10.25
CA GLY B 47 33.12 9.01 11.34
C GLY B 47 33.53 10.40 10.91
N GLY B 48 33.60 10.65 9.60
CA GLY B 48 34.15 11.91 9.05
C GLY B 48 33.19 13.07 9.25
N VAL B 49 33.73 14.25 9.54
CA VAL B 49 33.00 15.54 9.50
C VAL B 49 33.64 16.40 8.42
N PHE B 50 32.86 16.78 7.42
CA PHE B 50 33.33 17.46 6.19
C PHE B 50 32.77 18.88 6.20
N PHE B 51 33.66 19.88 6.12
CA PHE B 51 33.33 21.31 6.10
C PHE B 51 33.13 21.74 4.64
N LEU B 52 32.11 22.57 4.43
CA LEU B 52 31.84 23.16 3.10
C LEU B 52 31.62 24.66 3.26
N THR B 53 31.91 25.38 2.21
CA THR B 53 31.62 26.82 2.08
C THR B 53 30.48 26.98 1.07
N ILE B 54 29.51 27.82 1.41
CA ILE B 54 28.31 28.08 0.55
C ILE B 54 28.23 29.58 0.28
N HIS B 55 28.19 29.94 -1.00
CA HIS B 55 27.99 31.33 -1.48
C HIS B 55 26.65 31.38 -2.22
N PHE B 56 25.68 32.10 -1.66
CA PHE B 56 24.36 32.32 -2.29
C PHE B 56 24.46 33.49 -3.24
N PRO B 57 24.07 33.35 -4.53
CA PRO B 57 24.06 34.50 -5.44
C PRO B 57 22.89 35.43 -5.07
N THR B 58 22.90 36.66 -5.59
CA THR B 58 21.88 37.69 -5.25
C THR B 58 20.49 37.25 -5.77
N ASP B 59 20.42 36.42 -6.81
CA ASP B 59 19.13 35.93 -7.38
CA ASP B 59 19.14 35.92 -7.39
C ASP B 59 18.83 34.49 -6.90
N TYR B 60 19.45 34.05 -5.80
CA TYR B 60 18.97 32.85 -5.05
C TYR B 60 17.51 33.06 -4.69
N PRO B 61 16.61 32.05 -4.80
CA PRO B 61 16.96 30.71 -5.26
C PRO B 61 16.69 30.37 -6.72
N PHE B 62 16.59 31.36 -7.60
CA PHE B 62 16.43 31.10 -9.04
C PHE B 62 17.74 30.53 -9.57
N LYS B 63 18.86 30.97 -8.99
CA LYS B 63 20.21 30.50 -9.34
C LYS B 63 20.74 29.71 -8.17
N PRO B 64 21.54 28.66 -8.44
CA PRO B 64 21.99 27.77 -7.39
C PRO B 64 23.04 28.41 -6.50
N PRO B 65 23.18 27.93 -5.24
CA PRO B 65 24.31 28.32 -4.42
C PRO B 65 25.59 27.70 -5.01
N LYS B 66 26.73 28.36 -4.78
CA LYS B 66 28.06 27.79 -5.06
C LYS B 66 28.47 27.03 -3.80
N VAL B 67 28.72 25.74 -3.95
CA VAL B 67 29.01 24.86 -2.78
C VAL B 67 30.34 24.18 -3.06
N ALA B 68 31.25 24.24 -2.09
CA ALA B 68 32.60 23.64 -2.21
C ALA B 68 33.02 23.09 -0.87
N PHE B 69 33.69 21.94 -0.89
CA PHE B 69 34.33 21.34 0.31
C PHE B 69 35.54 22.17 0.68
N THR B 70 35.72 22.42 1.96
CA THR B 70 37.00 22.96 2.52
C THR B 70 37.79 21.75 3.03
N THR B 71 37.14 20.76 3.63
CA THR B 71 37.77 19.49 4.03
C THR B 71 38.12 18.70 2.78
N ARG B 72 39.37 18.25 2.66
CA ARG B 72 39.81 17.37 1.54
C ARG B 72 39.04 16.05 1.64
N ILE B 73 38.58 15.54 0.51
CA ILE B 73 37.79 14.28 0.47
C ILE B 73 38.23 13.55 -0.80
N TYR B 74 38.26 12.23 -0.74
CA TYR B 74 38.69 11.36 -1.85
C TYR B 74 37.43 10.86 -2.56
N HIS B 75 37.18 11.34 -3.78
CA HIS B 75 35.92 11.05 -4.52
C HIS B 75 36.10 11.40 -6.00
N PRO B 76 35.51 10.63 -6.92
CA PRO B 76 35.66 10.89 -8.34
C PRO B 76 35.01 12.19 -8.85
N ASN B 77 34.05 12.73 -8.10
CA ASN B 77 33.27 13.92 -8.55
C ASN B 77 33.60 15.13 -7.68
N ILE B 78 34.61 15.05 -6.83
CA ILE B 78 35.05 16.18 -5.96
C ILE B 78 36.57 16.30 -6.12
N ASN B 79 37.09 17.47 -6.50
CA ASN B 79 38.54 17.62 -6.82
C ASN B 79 39.25 18.22 -5.61
N SER B 80 40.56 18.40 -5.70
CA SER B 80 41.43 18.82 -4.57
C SER B 80 41.18 20.29 -4.20
N ASN B 81 40.49 21.06 -5.03
CA ASN B 81 40.02 22.43 -4.72
C ASN B 81 38.68 22.39 -3.97
N GLY B 82 38.10 21.19 -3.77
CA GLY B 82 36.82 21.01 -3.07
C GLY B 82 35.63 21.26 -3.97
N SER B 83 35.85 21.38 -5.29
CA SER B 83 34.80 21.63 -6.30
C SER B 83 34.01 20.34 -6.50
N ILE B 84 32.69 20.47 -6.55
CA ILE B 84 31.75 19.34 -6.69
C ILE B 84 31.14 19.43 -8.09
N LYS B 85 31.32 18.39 -8.90
CA LYS B 85 30.64 18.38 -10.22
C LYS B 85 29.37 17.55 -10.08
N LEU B 86 28.24 18.25 -10.01
CA LEU B 86 26.92 17.68 -9.65
C LEU B 86 25.84 18.50 -10.36
N ASP B 87 25.00 17.86 -11.15
CA ASP B 87 24.03 18.52 -12.06
C ASP B 87 23.09 19.45 -11.26
N ILE B 88 22.69 19.10 -10.05
CA ILE B 88 21.73 19.97 -9.26
C ILE B 88 22.41 21.26 -8.85
N LEU B 89 23.74 21.37 -8.93
CA LEU B 89 24.45 22.63 -8.63
C LEU B 89 24.58 23.48 -9.90
N ARG B 90 24.11 22.99 -11.05
CA ARG B 90 24.21 23.71 -12.35
C ARG B 90 22.88 23.51 -13.12
N SER B 91 22.85 22.67 -14.14
CA SER B 91 21.76 22.55 -15.13
C SER B 91 20.47 22.02 -14.50
N GLN B 92 20.57 21.21 -13.44
CA GLN B 92 19.40 20.52 -12.85
C GLN B 92 19.03 21.17 -11.52
N TRP B 93 19.52 22.37 -11.26
CA TRP B 93 19.12 23.14 -10.07
C TRP B 93 17.59 23.34 -10.09
N SER B 94 16.98 23.30 -8.93
CA SER B 94 15.56 23.67 -8.74
C SER B 94 15.50 24.66 -7.59
N PRO B 95 14.74 25.76 -7.74
CA PRO B 95 14.50 26.68 -6.64
C PRO B 95 13.79 26.07 -5.43
N ALA B 96 13.23 24.86 -5.55
CA ALA B 96 12.59 24.18 -4.40
C ALA B 96 13.69 23.53 -3.55
N LEU B 97 14.89 23.33 -4.09
CA LEU B 97 16.02 22.79 -3.28
C LEU B 97 16.44 23.85 -2.26
N THR B 98 16.58 23.43 -1.01
CA THR B 98 17.10 24.25 0.10
C THR B 98 18.52 23.79 0.37
N ILE B 99 19.28 24.54 1.14
CA ILE B 99 20.68 24.16 1.47
C ILE B 99 20.65 22.81 2.16
N SER B 100 19.70 22.58 3.06
CA SER B 100 19.50 21.30 3.78
C SER B 100 19.43 20.14 2.77
N LYS B 101 18.61 20.29 1.73
CA LYS B 101 18.38 19.26 0.69
C LYS B 101 19.63 19.12 -0.17
N VAL B 102 20.31 20.21 -0.48
CA VAL B 102 21.56 20.17 -1.28
C VAL B 102 22.63 19.38 -0.50
N LEU B 103 22.75 19.66 0.79
CA LEU B 103 23.79 19.01 1.63
C LEU B 103 23.47 17.52 1.74
N LEU B 104 22.19 17.17 1.93
CA LEU B 104 21.76 15.75 1.98
C LEU B 104 22.03 15.12 0.62
N SER B 105 21.80 15.84 -0.48
CA SER B 105 22.06 15.37 -1.85
C SER B 105 23.55 15.07 -2.02
N ILE B 106 24.40 15.98 -1.56
CA ILE B 106 25.89 15.81 -1.63
C ILE B 106 26.26 14.61 -0.77
N CYS B 107 25.69 14.51 0.41
CA CYS B 107 25.95 13.35 1.31
C CYS B 107 25.68 12.04 0.56
N SER B 108 24.56 11.97 -0.16
CA SER B 108 24.11 10.77 -0.89
C SER B 108 25.01 10.52 -2.11
N LEU B 109 25.69 11.55 -2.60
CA LEU B 109 26.67 11.41 -3.71
C LEU B 109 27.92 10.68 -3.22
N LEU B 110 28.26 10.81 -1.94
CA LEU B 110 29.53 10.27 -1.40
C LEU B 110 29.58 8.76 -1.67
N CYS B 111 28.49 8.03 -1.44
CA CYS B 111 28.42 6.56 -1.68
C CYS B 111 27.75 6.22 -3.01
N ASP B 112 27.51 7.19 -3.88
CA ASP B 112 26.89 6.96 -5.21
C ASP B 112 27.64 7.80 -6.25
N PRO B 113 28.97 7.59 -6.40
CA PRO B 113 29.74 8.40 -7.34
C PRO B 113 29.42 8.05 -8.80
N ASN B 114 29.80 8.93 -9.72
CA ASN B 114 29.72 8.67 -11.18
C ASN B 114 31.15 8.60 -11.71
N PRO B 115 31.75 7.40 -11.75
CA PRO B 115 33.12 7.26 -12.26
C PRO B 115 33.21 7.30 -13.80
N ASP B 116 32.09 7.25 -14.51
CA ASP B 116 32.03 7.16 -16.00
C ASP B 116 32.15 8.56 -16.61
N ASP B 117 31.75 9.59 -15.86
CA ASP B 117 31.88 11.02 -16.24
C ASP B 117 32.52 11.74 -15.06
N PRO B 118 33.82 11.49 -14.74
CA PRO B 118 34.38 11.95 -13.47
C PRO B 118 34.96 13.37 -13.51
N LEU B 119 35.10 13.99 -12.34
CA LEU B 119 35.86 15.25 -12.18
C LEU B 119 37.35 14.91 -12.02
N VAL B 120 37.65 13.76 -11.41
CA VAL B 120 39.05 13.34 -11.10
C VAL B 120 39.27 11.98 -11.76
N PRO B 121 39.71 11.94 -13.04
CA PRO B 121 39.86 10.70 -13.79
C PRO B 121 40.70 9.62 -13.08
N GLU B 122 41.75 10.02 -12.35
CA GLU B 122 42.65 9.08 -11.62
C GLU B 122 41.85 8.32 -10.57
N ILE B 123 41.05 9.02 -9.77
CA ILE B 123 40.27 8.40 -8.67
C ILE B 123 39.19 7.49 -9.27
N ALA B 124 38.57 7.93 -10.36
CA ALA B 124 37.51 7.18 -11.07
C ALA B 124 38.07 5.83 -11.56
N ARG B 125 39.28 5.84 -12.14
CA ARG B 125 39.97 4.63 -12.67
C ARG B 125 40.15 3.62 -11.53
N ILE B 126 40.62 4.08 -10.36
CA ILE B 126 40.83 3.22 -9.15
C ILE B 126 39.49 2.69 -8.67
N TYR B 127 38.45 3.54 -8.62
CA TYR B 127 37.09 3.13 -8.20
C TYR B 127 36.58 1.99 -9.09
N LYS B 128 36.79 2.10 -10.40
CA LYS B 128 36.25 1.13 -11.39
C LYS B 128 37.05 -0.18 -11.37
N THR B 129 38.36 -0.14 -11.14
CA THR B 129 39.27 -1.31 -11.35
C THR B 129 39.64 -1.99 -10.02
N ASP B 130 39.77 -1.22 -8.92
CA ASP B 130 40.22 -1.76 -7.61
C ASP B 130 39.47 -1.08 -6.46
N ARG B 131 38.22 -1.48 -6.24
CA ARG B 131 37.32 -0.88 -5.21
C ARG B 131 37.98 -0.96 -3.83
N GLU B 132 38.66 -2.07 -3.51
CA GLU B 132 39.33 -2.29 -2.20
C GLU B 132 40.36 -1.18 -1.95
N LYS B 133 41.13 -0.82 -2.97
CA LYS B 133 42.15 0.27 -2.92
C LYS B 133 41.42 1.62 -2.78
N TYR B 134 40.40 1.87 -3.61
CA TYR B 134 39.54 3.08 -3.54
C TYR B 134 39.07 3.29 -2.10
N ASN B 135 38.45 2.25 -1.50
CA ASN B 135 37.89 2.32 -0.13
C ASN B 135 38.98 2.61 0.88
N ARG B 136 40.17 2.00 0.72
CA ARG B 136 41.29 2.15 1.68
C ARG B 136 41.75 3.62 1.68
N ILE B 137 42.00 4.20 0.51
CA ILE B 137 42.48 5.60 0.37
C ILE B 137 41.40 6.55 0.91
N ALA B 138 40.13 6.35 0.49
CA ALA B 138 39.00 7.20 0.93
C ALA B 138 38.95 7.17 2.47
N ARG B 139 39.15 6.00 3.06
CA ARG B 139 39.17 5.82 4.52
C ARG B 139 40.39 6.53 5.09
N GLU B 140 41.55 6.40 4.45
CA GLU B 140 42.81 7.06 4.90
C GLU B 140 42.57 8.58 4.93
N TRP B 141 42.05 9.13 3.84
CA TRP B 141 41.77 10.59 3.72
C TRP B 141 40.78 11.03 4.79
N THR B 142 39.73 10.25 5.02
CA THR B 142 38.70 10.57 6.05
C THR B 142 39.40 10.67 7.42
N GLN B 143 40.22 9.68 7.75
CA GLN B 143 40.95 9.61 9.04
C GLN B 143 41.86 10.85 9.18
N LYS B 144 42.62 11.14 8.13
CA LYS B 144 43.64 12.22 8.12
C LYS B 144 42.99 13.62 8.17
N TYR B 145 41.96 13.89 7.36
CA TYR B 145 41.46 15.28 7.11
C TYR B 145 40.09 15.55 7.75
N ALA B 146 39.26 14.52 7.95
CA ALA B 146 37.84 14.68 8.36
C ALA B 146 37.62 14.22 9.80
N MET B 147 38.69 13.86 10.53
CA MET B 147 38.59 13.38 11.94
C MET B 147 39.62 14.12 12.80
N GLY C 4 3.38 -6.30 9.99
CA GLY C 4 2.11 -5.89 9.31
C GLY C 4 2.24 -4.50 8.70
N SER C 5 1.25 -3.63 8.95
CA SER C 5 1.15 -2.24 8.47
C SER C 5 1.78 -1.27 9.49
N MET C 6 2.55 -0.29 9.02
CA MET C 6 3.15 0.77 9.88
C MET C 6 3.09 2.11 9.14
N GLN C 7 3.31 3.18 9.91
CA GLN C 7 3.41 4.56 9.37
C GLN C 7 4.89 4.92 9.27
N ILE C 8 5.28 5.53 8.15
CA ILE C 8 6.58 6.22 8.01
C ILE C 8 6.28 7.64 7.53
N PHE C 9 7.25 8.52 7.73
CA PHE C 9 7.21 9.93 7.31
C PHE C 9 8.14 10.10 6.11
N VAL C 10 7.72 10.96 5.20
CA VAL C 10 8.62 11.45 4.12
C VAL C 10 8.66 12.98 4.24
N LYS C 11 9.86 13.53 4.31
CA LYS C 11 10.08 14.98 4.17
C LYS C 11 10.21 15.28 2.66
N THR C 12 9.19 15.89 2.08
CA THR C 12 9.11 16.18 0.63
C THR C 12 10.09 17.32 0.29
N LEU C 13 10.24 17.60 -1.00
CA LEU C 13 11.29 18.54 -1.48
C LEU C 13 11.13 19.88 -0.78
N THR C 14 9.91 20.35 -0.61
CA THR C 14 9.62 21.68 -0.02
C THR C 14 9.67 21.64 1.51
N GLY C 15 9.90 20.47 2.12
CA GLY C 15 10.03 20.33 3.59
C GLY C 15 8.72 19.95 4.26
N LYS C 16 7.63 19.82 3.50
CA LYS C 16 6.33 19.30 3.99
C LYS C 16 6.55 17.84 4.41
N THR C 17 6.01 17.47 5.56
CA THR C 17 6.06 16.07 6.06
C THR C 17 4.77 15.37 5.66
N ILE C 18 4.87 14.24 4.96
CA ILE C 18 3.68 13.40 4.65
C ILE C 18 3.83 12.08 5.41
N THR C 19 2.71 11.42 5.64
CA THR C 19 2.62 10.08 6.29
C THR C 19 2.25 9.05 5.23
N LEU C 20 2.99 7.96 5.20
CA LEU C 20 2.69 6.80 4.33
C LEU C 20 2.33 5.60 5.21
N GLU C 21 1.35 4.81 4.76
CA GLU C 21 1.04 3.46 5.29
C GLU C 21 1.83 2.46 4.44
N VAL C 22 2.76 1.76 5.07
CA VAL C 22 3.67 0.79 4.38
C VAL C 22 3.75 -0.51 5.20
N GLU C 23 4.33 -1.53 4.59
CA GLU C 23 4.78 -2.79 5.25
C GLU C 23 6.29 -2.81 5.18
N PRO C 24 6.98 -3.42 6.16
CA PRO C 24 8.44 -3.58 6.10
C PRO C 24 8.90 -4.24 4.79
N SER C 25 8.05 -5.06 4.20
CA SER C 25 8.37 -5.85 2.97
C SER C 25 8.11 -5.01 1.71
N ASP C 26 7.57 -3.79 1.83
CA ASP C 26 7.43 -2.85 0.70
C ASP C 26 8.80 -2.48 0.12
N THR C 27 8.90 -2.46 -1.19
CA THR C 27 10.12 -1.99 -1.89
C THR C 27 10.14 -0.45 -1.87
N ILE C 28 11.33 0.09 -2.04
CA ILE C 28 11.54 1.56 -2.24
C ILE C 28 10.71 1.96 -3.45
N GLU C 29 10.65 1.13 -4.51
CA GLU C 29 9.83 1.41 -5.71
C GLU C 29 8.38 1.63 -5.28
N ASN C 30 7.85 0.78 -4.40
CA ASN C 30 6.45 0.91 -3.93
C ASN C 30 6.28 2.21 -3.12
N VAL C 31 7.26 2.54 -2.29
CA VAL C 31 7.22 3.82 -1.51
C VAL C 31 7.17 4.99 -2.52
N LYS C 32 7.99 4.95 -3.58
CA LYS C 32 7.99 6.03 -4.60
C LYS C 32 6.62 6.11 -5.28
N ALA C 33 5.96 4.96 -5.51
CA ALA C 33 4.62 4.94 -6.15
C ALA C 33 3.62 5.61 -5.20
N LYS C 34 3.77 5.43 -3.89
CA LYS C 34 2.83 6.07 -2.92
C LYS C 34 3.10 7.59 -2.88
N ILE C 35 4.35 7.99 -2.95
CA ILE C 35 4.71 9.43 -2.99
C ILE C 35 4.12 10.03 -4.26
N GLN C 36 4.23 9.32 -5.39
CA GLN C 36 3.66 9.81 -6.66
C GLN C 36 2.15 10.05 -6.53
N ASP C 37 1.44 9.15 -5.86
CA ASP C 37 -0.05 9.28 -5.66
C ASP C 37 -0.32 10.50 -4.78
N LYS C 38 0.50 10.73 -3.76
CA LYS C 38 0.24 11.83 -2.80
C LYS C 38 0.76 13.18 -3.35
N GLU C 39 1.86 13.20 -4.11
CA GLU C 39 2.60 14.46 -4.40
C GLU C 39 2.74 14.70 -5.91
N GLY C 40 2.45 13.72 -6.76
CA GLY C 40 2.51 13.85 -8.23
C GLY C 40 3.93 13.99 -8.73
N ILE C 41 4.90 13.43 -8.00
CA ILE C 41 6.33 13.37 -8.42
C ILE C 41 6.56 12.01 -9.08
N PRO C 42 6.92 11.95 -10.38
CA PRO C 42 7.24 10.67 -11.01
C PRO C 42 8.37 10.01 -10.24
N PRO C 43 8.32 8.68 -10.04
CA PRO C 43 9.40 7.97 -9.36
C PRO C 43 10.81 8.23 -9.91
N ASP C 44 10.97 8.39 -11.22
CA ASP C 44 12.29 8.67 -11.84
C ASP C 44 12.84 10.03 -11.36
N GLN C 45 12.02 10.95 -10.84
CA GLN C 45 12.54 12.24 -10.31
C GLN C 45 12.72 12.18 -8.79
N GLN C 46 12.37 11.06 -8.17
CA GLN C 46 12.48 10.90 -6.70
C GLN C 46 13.82 10.25 -6.33
N ARG C 47 14.52 10.88 -5.41
CA ARG C 47 15.69 10.27 -4.76
C ARG C 47 15.42 10.26 -3.26
N LEU C 48 15.24 9.07 -2.69
CA LEU C 48 14.96 8.94 -1.24
C LEU C 48 16.27 8.66 -0.52
N ILE C 49 16.46 9.37 0.59
CA ILE C 49 17.69 9.27 1.40
C ILE C 49 17.30 8.89 2.83
N PHE C 50 18.05 7.97 3.38
CA PHE C 50 17.96 7.57 4.80
C PHE C 50 19.37 7.30 5.29
N ALA C 51 19.71 7.88 6.44
CA ALA C 51 21.05 7.75 7.07
C ALA C 51 22.13 8.14 6.06
N GLY C 52 21.88 9.16 5.26
CA GLY C 52 22.89 9.76 4.37
C GLY C 52 23.10 8.98 3.10
N LYS C 53 22.31 7.95 2.84
CA LYS C 53 22.46 7.12 1.62
C LYS C 53 21.15 7.14 0.81
N GLN C 54 21.29 7.09 -0.51
CA GLN C 54 20.15 6.93 -1.43
C GLN C 54 19.61 5.51 -1.28
N LEU C 55 18.30 5.36 -1.36
CA LEU C 55 17.61 4.06 -1.21
C LEU C 55 17.31 3.51 -2.60
N GLU C 56 17.69 2.26 -2.83
CA GLU C 56 17.62 1.60 -4.17
C GLU C 56 16.25 0.98 -4.32
N ASP C 57 15.68 1.12 -5.52
CA ASP C 57 14.27 0.79 -5.85
C ASP C 57 13.91 -0.66 -5.51
N GLY C 58 14.81 -1.61 -5.75
CA GLY C 58 14.56 -3.05 -5.61
C GLY C 58 14.66 -3.54 -4.18
N ARG C 59 15.17 -2.72 -3.25
CA ARG C 59 15.37 -3.12 -1.84
C ARG C 59 14.11 -2.77 -1.03
N THR C 60 13.94 -3.41 0.12
CA THR C 60 12.74 -3.23 0.99
C THR C 60 13.08 -2.25 2.11
N LEU C 61 12.05 -1.75 2.76
CA LEU C 61 12.21 -0.93 4.00
C LEU C 61 12.99 -1.72 5.06
N SER C 62 12.66 -3.00 5.23
CA SER C 62 13.35 -3.90 6.21
C SER C 62 14.83 -4.05 5.84
N ASP C 63 15.17 -4.13 4.54
CA ASP C 63 16.59 -4.20 4.08
C ASP C 63 17.40 -3.02 4.62
N TYR C 64 16.77 -1.84 4.76
CA TYR C 64 17.45 -0.59 5.21
C TYR C 64 17.20 -0.37 6.70
N ASN C 65 16.57 -1.33 7.38
CA ASN C 65 16.23 -1.24 8.83
C ASN C 65 15.41 0.03 9.07
N ILE C 66 14.51 0.35 8.14
CA ILE C 66 13.53 1.46 8.29
C ILE C 66 12.37 0.92 9.11
N GLN C 67 12.21 1.44 10.32
CA GLN C 67 11.22 0.99 11.31
C GLN C 67 10.07 1.98 11.36
N LYS C 68 9.05 1.67 12.16
CA LYS C 68 7.85 2.49 12.42
C LYS C 68 8.26 3.93 12.74
N GLU C 69 7.58 4.91 12.12
CA GLU C 69 7.74 6.38 12.34
C GLU C 69 9.17 6.85 12.00
N SER C 70 9.93 6.09 11.22
CA SER C 70 11.17 6.58 10.55
C SER C 70 10.80 7.70 9.57
N THR C 71 11.73 8.60 9.30
CA THR C 71 11.54 9.69 8.30
C THR C 71 12.49 9.44 7.14
N LEU C 72 11.95 9.36 5.93
CA LEU C 72 12.76 9.32 4.71
C LEU C 72 12.83 10.75 4.17
N HIS C 73 13.92 11.06 3.49
CA HIS C 73 14.18 12.43 2.98
C HIS C 73 14.09 12.37 1.46
N LEU C 74 13.15 13.12 0.88
CA LEU C 74 13.02 13.18 -0.57
C LEU C 74 13.83 14.35 -1.11
N VAL C 75 14.72 14.07 -2.05
CA VAL C 75 15.44 15.10 -2.84
C VAL C 75 15.14 14.83 -4.30
N LEU C 76 15.76 15.58 -5.18
CA LEU C 76 15.57 15.38 -6.63
C LEU C 76 16.62 14.39 -7.14
N ARG C 77 16.22 13.64 -8.17
CA ARG C 77 17.12 12.86 -9.02
C ARG C 77 18.35 13.72 -9.32
N LEU C 78 19.53 13.14 -9.12
CA LEU C 78 20.81 13.87 -9.32
C LEU C 78 21.79 12.93 -9.98
N ARG C 79 22.85 13.49 -10.54
CA ARG C 79 23.92 12.72 -11.21
C ARG C 79 25.23 13.45 -10.96
N GLY C 80 26.17 12.80 -10.28
CA GLY C 80 27.58 13.25 -10.24
C GLY C 80 28.14 13.26 -11.64
N GLY C 81 29.15 14.09 -11.90
CA GLY C 81 29.85 14.20 -13.17
C GLY C 81 31.20 14.87 -12.97
N GLU D 16 -9.25 21.59 4.35
CA GLU D 16 -10.56 20.90 4.40
C GLU D 16 -10.75 20.07 3.13
N PRO D 17 -11.63 19.05 3.15
CA PRO D 17 -11.87 18.26 1.95
C PRO D 17 -12.75 18.97 0.92
N CYS D 18 -12.81 18.40 -0.27
CA CYS D 18 -13.74 18.76 -1.36
C CYS D 18 -15.09 19.15 -0.78
N VAL D 19 -15.64 20.32 -1.18
CA VAL D 19 -16.93 20.79 -0.60
C VAL D 19 -18.08 19.92 -1.14
N ILE D 20 -17.87 19.14 -2.20
CA ILE D 20 -18.95 18.35 -2.84
C ILE D 20 -19.03 16.97 -2.18
N CYS D 21 -17.95 16.18 -2.17
CA CYS D 21 -17.96 14.78 -1.66
C CYS D 21 -17.50 14.69 -0.20
N GLN D 22 -16.82 15.71 0.31
CA GLN D 22 -16.32 15.77 1.71
C GLN D 22 -15.34 14.63 1.99
N THR D 23 -14.77 14.00 0.97
CA THR D 23 -13.96 12.76 1.11
C THR D 23 -12.55 13.01 0.62
N ARG D 24 -12.41 13.53 -0.59
CA ARG D 24 -11.11 13.70 -1.26
C ARG D 24 -10.60 15.11 -0.98
N PRO D 25 -9.29 15.36 -1.18
CA PRO D 25 -8.73 16.69 -0.99
C PRO D 25 -9.25 17.66 -2.07
N LYS D 26 -9.08 18.96 -1.81
CA LYS D 26 -9.35 20.00 -2.84
C LYS D 26 -8.18 19.98 -3.82
N ASN D 27 -8.20 19.07 -4.79
CA ASN D 27 -7.08 18.86 -5.71
C ASN D 27 -7.57 18.97 -7.16
N GLY D 28 -8.79 19.44 -7.38
CA GLY D 28 -9.39 19.53 -8.72
C GLY D 28 -9.52 20.98 -9.14
N CYS D 29 -8.46 21.58 -9.65
CA CYS D 29 -8.45 23.02 -9.96
C CYS D 29 -9.33 23.27 -11.20
N ILE D 30 -10.36 24.08 -11.04
CA ILE D 30 -11.29 24.41 -12.15
C ILE D 30 -10.69 25.63 -12.86
N VAL D 31 -10.17 25.42 -14.06
CA VAL D 31 -9.41 26.46 -14.79
C VAL D 31 -10.34 27.11 -15.82
N HIS D 32 -10.28 28.44 -15.83
CA HIS D 32 -10.99 29.32 -16.81
C HIS D 32 -10.06 30.49 -17.11
N GLY D 33 -9.45 30.51 -18.29
CA GLY D 33 -8.49 31.55 -18.68
C GLY D 33 -7.22 31.42 -17.83
N ARG D 34 -6.85 32.48 -17.14
CA ARG D 34 -5.57 32.48 -16.38
C ARG D 34 -5.85 32.18 -14.90
N THR D 35 -7.10 31.92 -14.55
CA THR D 35 -7.45 31.75 -13.11
C THR D 35 -8.08 30.37 -12.89
N GLY D 36 -8.05 29.94 -11.63
CA GLY D 36 -8.61 28.66 -11.23
C GLY D 36 -9.27 28.79 -9.88
N HIS D 37 -10.38 28.10 -9.73
CA HIS D 37 -11.05 27.95 -8.43
C HIS D 37 -10.84 26.52 -7.93
N LEU D 38 -10.28 26.44 -6.75
CA LEU D 38 -9.90 25.17 -6.14
C LEU D 38 -10.73 24.98 -4.87
N MET D 39 -11.83 24.23 -4.98
CA MET D 39 -12.71 23.96 -3.82
C MET D 39 -13.25 22.52 -3.91
N ALA D 40 -12.96 21.82 -5.01
CA ALA D 40 -13.48 20.46 -5.26
C ALA D 40 -12.30 19.54 -5.56
N CYS D 41 -12.55 18.24 -5.43
CA CYS D 41 -11.58 17.22 -5.85
C CYS D 41 -11.62 17.09 -7.37
N TYR D 42 -10.60 16.46 -7.89
CA TYR D 42 -10.46 16.16 -9.33
C TYR D 42 -11.69 15.39 -9.84
N THR D 43 -12.11 14.38 -9.10
CA THR D 43 -13.24 13.51 -9.49
C THR D 43 -14.51 14.35 -9.64
N CYS D 44 -14.85 15.12 -8.60
CA CYS D 44 -16.10 15.95 -8.62
C CYS D 44 -15.97 17.01 -9.73
N ALA D 45 -14.82 17.67 -9.86
CA ALA D 45 -14.64 18.75 -10.86
C ALA D 45 -14.78 18.19 -12.28
N LYS D 46 -14.24 17.00 -12.53
CA LYS D 46 -14.34 16.34 -13.85
C LYS D 46 -15.80 16.08 -14.21
N LYS D 47 -16.58 15.63 -13.22
CA LYS D 47 -18.03 15.41 -13.41
C LYS D 47 -18.68 16.71 -13.86
N LEU D 48 -18.34 17.85 -13.25
CA LEU D 48 -18.92 19.16 -13.64
C LEU D 48 -18.57 19.47 -15.08
N LYS D 49 -17.29 19.33 -15.44
CA LYS D 49 -16.84 19.65 -16.80
C LYS D 49 -17.56 18.72 -17.78
N LYS D 50 -17.59 17.42 -17.47
CA LYS D 50 -18.19 16.39 -18.37
C LYS D 50 -19.68 16.70 -18.58
N ARG D 51 -20.36 17.23 -17.57
CA ARG D 51 -21.82 17.56 -17.63
C ARG D 51 -22.03 18.99 -18.15
N ASN D 52 -20.99 19.64 -18.68
CA ASN D 52 -21.07 21.01 -19.25
C ASN D 52 -21.58 22.02 -18.20
N LYS D 53 -21.19 21.87 -16.95
CA LYS D 53 -21.58 22.83 -15.88
C LYS D 53 -20.52 23.91 -15.80
N PRO D 54 -20.86 25.15 -15.38
CA PRO D 54 -19.86 26.19 -15.21
C PRO D 54 -19.16 26.04 -13.86
N CYS D 55 -18.19 26.91 -13.62
CA CYS D 55 -17.48 26.93 -12.33
C CYS D 55 -18.54 27.17 -11.25
N PRO D 56 -18.55 26.39 -10.15
CA PRO D 56 -19.54 26.58 -9.10
C PRO D 56 -19.43 27.90 -8.33
N VAL D 57 -18.26 28.54 -8.33
CA VAL D 57 -18.14 29.79 -7.51
C VAL D 57 -18.25 31.03 -8.41
N CYS D 58 -17.85 30.99 -9.69
CA CYS D 58 -17.82 32.21 -10.51
C CYS D 58 -18.66 32.10 -11.78
N ARG D 59 -19.19 30.91 -12.09
CA ARG D 59 -20.06 30.63 -13.26
C ARG D 59 -19.35 30.81 -14.61
N GLU D 60 -18.02 30.96 -14.63
CA GLU D 60 -17.28 30.93 -15.91
C GLU D 60 -17.34 29.51 -16.48
N PRO D 61 -17.39 29.34 -17.82
CA PRO D 61 -17.18 28.03 -18.42
C PRO D 61 -15.86 27.39 -17.94
N ILE D 62 -15.89 26.09 -17.71
CA ILE D 62 -14.68 25.33 -17.29
C ILE D 62 -13.90 24.98 -18.54
N GLN D 63 -12.67 25.48 -18.64
CA GLN D 63 -11.78 25.13 -19.77
C GLN D 63 -11.14 23.78 -19.51
N MET D 64 -10.68 23.54 -18.28
CA MET D 64 -10.02 22.25 -17.97
C MET D 64 -9.96 22.08 -16.46
N ILE D 65 -9.78 20.84 -16.05
CA ILE D 65 -9.58 20.47 -14.64
C ILE D 65 -8.13 20.08 -14.54
N VAL D 66 -7.44 20.61 -13.56
CA VAL D 66 -6.02 20.24 -13.30
C VAL D 66 -5.96 19.51 -11.97
N LEU D 67 -5.38 18.34 -11.95
CA LEU D 67 -5.13 17.61 -10.68
C LEU D 67 -3.96 18.30 -10.00
N THR D 68 -4.23 18.96 -8.90
CA THR D 68 -3.33 19.94 -8.27
C THR D 68 -2.76 19.33 -7.01
N TYR D 69 -1.44 19.31 -6.92
CA TYR D 69 -0.75 18.85 -5.70
C TYR D 69 -0.21 20.07 -4.96
N PHE D 70 -0.64 20.22 -3.71
CA PHE D 70 -0.24 21.32 -2.81
C PHE D 70 1.04 20.87 -2.12
N SER D 71 2.18 21.50 -2.46
CA SER D 71 3.54 21.14 -1.99
C SER D 71 4.04 22.21 -1.00
N ALA E 2 -24.57 11.96 -1.21
CA ALA E 2 -25.00 13.23 -0.59
C ALA E 2 -24.75 13.26 0.91
N LEU E 3 -24.57 12.11 1.56
CA LEU E 3 -24.71 12.00 3.02
C LEU E 3 -23.63 12.81 3.70
N LYS E 4 -22.38 12.72 3.22
CA LYS E 4 -21.27 13.40 3.93
C LYS E 4 -21.49 14.92 3.81
N ARG E 5 -22.00 15.37 2.68
CA ARG E 5 -22.18 16.81 2.39
C ARG E 5 -23.32 17.31 3.31
N ILE E 6 -24.40 16.56 3.37
CA ILE E 6 -25.56 16.94 4.24
C ILE E 6 -25.14 16.98 5.71
N HIS E 7 -24.36 16.00 6.18
CA HIS E 7 -23.85 15.97 7.57
C HIS E 7 -22.95 17.18 7.86
N LYS E 8 -22.06 17.50 6.93
CA LYS E 8 -21.17 18.67 7.04
C LYS E 8 -22.03 19.94 7.20
N GLU E 9 -23.08 20.09 6.41
CA GLU E 9 -23.94 21.32 6.45
C GLU E 9 -24.58 21.37 7.85
N LEU E 10 -25.08 20.23 8.33
CA LEU E 10 -25.71 20.17 9.67
C LEU E 10 -24.68 20.54 10.75
N ASN E 11 -23.47 19.99 10.68
CA ASN E 11 -22.38 20.27 11.67
C ASN E 11 -22.04 21.76 11.65
N ASP E 12 -22.02 22.38 10.46
CA ASP E 12 -21.69 23.81 10.30
C ASP E 12 -22.79 24.68 10.93
N LEU E 13 -24.06 24.31 10.73
CA LEU E 13 -25.23 25.00 11.32
C LEU E 13 -25.19 24.92 12.85
N ALA E 14 -24.81 23.76 13.41
CA ALA E 14 -24.66 23.54 14.87
C ALA E 14 -23.55 24.45 15.40
N ARG E 15 -22.42 24.54 14.69
CA ARG E 15 -21.23 25.33 15.09
C ARG E 15 -21.52 26.85 15.01
N ASP E 16 -22.27 27.31 14.00
CA ASP E 16 -22.45 28.74 13.66
C ASP E 16 -23.37 29.49 14.65
N PRO E 17 -23.22 30.83 14.76
CA PRO E 17 -24.18 31.64 15.52
C PRO E 17 -25.61 31.53 15.00
N PRO E 18 -26.64 31.58 15.87
CA PRO E 18 -28.03 31.69 15.42
C PRO E 18 -28.26 32.80 14.37
N ALA E 19 -29.11 32.55 13.38
CA ALA E 19 -29.18 33.36 12.12
C ALA E 19 -30.64 33.72 11.77
N GLN E 20 -30.82 34.63 10.80
CA GLN E 20 -32.09 34.95 10.09
C GLN E 20 -32.83 33.67 9.67
N CYS E 21 -32.09 32.61 9.33
CA CYS E 21 -32.66 31.36 8.79
C CYS E 21 -32.14 30.17 9.61
N ARG E 22 -33.02 29.22 9.86
CA ARG E 22 -32.72 28.01 10.66
C ARG E 22 -33.21 26.81 9.86
N ALA E 23 -32.53 25.67 9.97
CA ALA E 23 -32.86 24.48 9.17
C ALA E 23 -32.27 23.26 9.84
N GLY E 24 -32.99 22.15 9.76
CA GLY E 24 -32.51 20.86 10.26
C GLY E 24 -33.44 19.77 9.78
N PRO E 25 -33.00 18.50 9.91
CA PRO E 25 -33.82 17.36 9.51
C PRO E 25 -35.19 17.32 10.23
N VAL E 26 -36.21 16.85 9.52
CA VAL E 26 -37.51 16.38 10.08
C VAL E 26 -37.26 14.94 10.54
N GLY E 27 -37.40 14.69 11.83
CA GLY E 27 -37.10 13.37 12.43
C GLY E 27 -35.67 12.95 12.16
N ASP E 28 -35.44 11.68 11.81
CA ASP E 28 -34.07 11.13 11.61
C ASP E 28 -33.80 10.97 10.11
N ASP E 29 -34.68 11.51 9.26
CA ASP E 29 -34.53 11.45 7.79
C ASP E 29 -33.65 12.61 7.32
N MET E 30 -32.36 12.33 7.09
CA MET E 30 -31.33 13.32 6.70
C MET E 30 -31.69 14.01 5.38
N PHE E 31 -32.54 13.41 4.53
CA PHE E 31 -32.89 13.93 3.18
C PHE E 31 -34.13 14.82 3.19
N HIS E 32 -34.75 15.02 4.36
CA HIS E 32 -35.98 15.84 4.50
C HIS E 32 -35.77 16.85 5.62
N TRP E 33 -35.63 18.12 5.27
CA TRP E 33 -35.36 19.18 6.26
C TRP E 33 -36.57 20.11 6.39
N GLN E 34 -36.66 20.75 7.55
CA GLN E 34 -37.56 21.89 7.79
C GLN E 34 -36.68 23.12 7.95
N ALA E 35 -37.12 24.25 7.43
CA ALA E 35 -36.41 25.53 7.60
C ALA E 35 -37.38 26.62 8.03
N THR E 36 -36.85 27.65 8.68
CA THR E 36 -37.54 28.93 8.94
C THR E 36 -36.70 30.05 8.33
N ILE E 37 -37.39 31.03 7.75
CA ILE E 37 -36.83 32.35 7.36
C ILE E 37 -37.62 33.40 8.14
N MET E 38 -36.91 34.35 8.74
CA MET E 38 -37.56 35.56 9.33
C MET E 38 -37.82 36.54 8.19
N GLY E 39 -39.05 37.04 8.06
CA GLY E 39 -39.38 38.15 7.14
C GLY E 39 -38.38 39.27 7.33
N PRO E 40 -37.80 39.87 6.26
CA PRO E 40 -36.84 40.94 6.43
C PRO E 40 -37.50 42.17 7.09
N ASN E 41 -36.77 42.83 7.98
CA ASN E 41 -37.11 44.14 8.58
C ASN E 41 -37.36 45.14 7.45
N ASP E 42 -38.23 46.14 7.69
CA ASP E 42 -38.52 47.26 6.75
C ASP E 42 -38.99 46.67 5.42
N SER E 43 -39.97 45.78 5.48
CA SER E 43 -40.61 45.13 4.31
C SER E 43 -42.04 44.77 4.69
N PRO E 44 -42.91 44.46 3.70
CA PRO E 44 -44.25 43.97 4.00
C PRO E 44 -44.27 42.64 4.77
N TYR E 45 -43.13 41.94 4.85
CA TYR E 45 -43.02 40.60 5.48
C TYR E 45 -42.47 40.72 6.90
N GLN E 46 -42.17 41.93 7.37
CA GLN E 46 -41.51 42.12 8.69
C GLN E 46 -42.41 41.52 9.79
N GLY E 47 -41.78 40.89 10.78
CA GLY E 47 -42.42 40.19 11.89
C GLY E 47 -42.83 38.78 11.52
N GLY E 48 -42.87 38.45 10.22
CA GLY E 48 -43.28 37.13 9.73
C GLY E 48 -42.24 36.07 10.03
N VAL E 49 -42.72 34.87 10.36
CA VAL E 49 -41.87 33.64 10.40
C VAL E 49 -42.42 32.70 9.34
N PHE E 50 -41.59 32.36 8.36
CA PHE E 50 -41.98 31.56 7.18
C PHE E 50 -41.28 30.20 7.26
N PHE E 51 -42.08 29.13 7.28
CA PHE E 51 -41.62 27.73 7.34
C PHE E 51 -41.42 27.24 5.91
N LEU E 52 -40.36 26.46 5.69
CA LEU E 52 -40.10 25.81 4.38
C LEU E 52 -39.83 24.33 4.60
N THR E 53 -40.06 23.52 3.58
CA THR E 53 -39.63 22.10 3.54
C THR E 53 -38.53 21.97 2.48
N ILE E 54 -37.55 21.13 2.79
CA ILE E 54 -36.38 20.87 1.91
C ILE E 54 -36.27 19.36 1.67
N HIS E 55 -36.24 18.95 0.40
CA HIS E 55 -35.98 17.55 -0.03
C HIS E 55 -34.65 17.51 -0.82
N PHE E 56 -33.65 16.85 -0.27
CA PHE E 56 -32.33 16.66 -0.95
C PHE E 56 -32.40 15.45 -1.87
N PRO E 57 -32.02 15.56 -3.16
CA PRO E 57 -31.89 14.36 -4.00
C PRO E 57 -30.65 13.55 -3.59
N THR E 58 -30.56 12.28 -4.00
CA THR E 58 -29.42 11.38 -3.63
C THR E 58 -28.12 11.89 -4.28
N ASP E 59 -28.18 12.61 -5.39
CA ASP E 59 -26.98 13.21 -6.06
C ASP E 59 -26.81 14.70 -5.69
N TYR E 60 -27.40 15.15 -4.59
CA TYR E 60 -27.01 16.42 -3.94
C TYR E 60 -25.53 16.31 -3.60
N PRO E 61 -24.69 17.37 -3.79
CA PRO E 61 -25.15 18.67 -4.30
C PRO E 61 -24.93 18.93 -5.79
N PHE E 62 -24.76 17.89 -6.62
CA PHE E 62 -24.71 18.11 -8.09
C PHE E 62 -26.06 18.61 -8.58
N LYS E 63 -27.11 18.11 -7.93
CA LYS E 63 -28.50 18.46 -8.24
C LYS E 63 -29.04 19.29 -7.09
N PRO E 64 -29.90 20.28 -7.36
CA PRO E 64 -30.36 21.20 -6.32
C PRO E 64 -31.32 20.53 -5.33
N PRO E 65 -31.46 21.08 -4.13
CA PRO E 65 -32.53 20.66 -3.23
C PRO E 65 -33.88 21.14 -3.78
N LYS E 66 -34.96 20.40 -3.48
CA LYS E 66 -36.34 20.84 -3.75
C LYS E 66 -36.78 21.66 -2.53
N VAL E 67 -37.11 22.92 -2.73
CA VAL E 67 -37.40 23.86 -1.60
C VAL E 67 -38.77 24.47 -1.85
N ALA E 68 -39.64 24.41 -0.82
CA ALA E 68 -41.01 24.95 -0.92
C ALA E 68 -41.40 25.59 0.43
N PHE E 69 -42.12 26.70 0.37
CA PHE E 69 -42.75 27.32 1.57
C PHE E 69 -43.89 26.42 2.05
N THR E 70 -44.01 26.20 3.35
CA THR E 70 -45.23 25.63 3.97
C THR E 70 -46.10 26.81 4.44
N THR E 71 -45.50 27.88 4.92
CA THR E 71 -46.22 29.15 5.23
C THR E 71 -46.60 29.84 3.93
N ARG E 72 -47.88 30.17 3.75
CA ARG E 72 -48.34 30.93 2.56
C ARG E 72 -47.73 32.33 2.61
N ILE E 73 -47.32 32.85 1.47
CA ILE E 73 -46.65 34.17 1.35
C ILE E 73 -47.15 34.83 0.06
N TYR E 74 -47.24 36.14 0.04
CA TYR E 74 -47.74 36.94 -1.11
C TYR E 74 -46.53 37.46 -1.87
N HIS E 75 -46.29 36.95 -3.08
CA HIS E 75 -45.07 37.29 -3.85
C HIS E 75 -45.25 36.88 -5.29
N PRO E 76 -44.71 37.63 -6.26
CA PRO E 76 -44.81 37.28 -7.67
C PRO E 76 -44.14 35.97 -8.07
N ASN E 77 -43.13 35.51 -7.31
CA ASN E 77 -42.30 34.35 -7.71
C ASN E 77 -42.54 33.16 -6.80
N ILE E 78 -43.55 33.25 -5.93
CA ILE E 78 -43.92 32.16 -5.00
C ILE E 78 -45.43 31.98 -5.09
N ASN E 79 -45.90 30.77 -5.37
CA ASN E 79 -47.37 30.56 -5.55
C ASN E 79 -47.94 30.08 -4.21
N SER E 80 -49.26 29.95 -4.16
CA SER E 80 -49.99 29.72 -2.88
C SER E 80 -49.77 28.28 -2.41
N ASN E 81 -49.24 27.39 -3.27
CA ASN E 81 -48.88 26.03 -2.76
C ASN E 81 -47.41 26.03 -2.28
N GLY E 82 -46.75 27.18 -2.27
CA GLY E 82 -45.42 27.35 -1.65
C GLY E 82 -44.29 27.05 -2.62
N SER E 83 -44.58 26.83 -3.91
CA SER E 83 -43.55 26.64 -4.96
C SER E 83 -42.81 27.94 -5.28
N ILE E 84 -41.48 27.83 -5.37
CA ILE E 84 -40.57 28.99 -5.59
C ILE E 84 -40.01 28.85 -6.99
N LYS E 85 -40.23 29.83 -7.85
CA LYS E 85 -39.55 29.85 -9.15
C LYS E 85 -38.37 30.80 -9.03
N LEU E 86 -37.18 30.24 -8.89
CA LEU E 86 -35.92 30.98 -8.65
C LEU E 86 -34.78 30.24 -9.38
N ASP E 87 -34.01 30.93 -10.22
CA ASP E 87 -33.03 30.30 -11.16
C ASP E 87 -32.01 29.44 -10.38
N ILE E 88 -31.57 29.83 -9.19
CA ILE E 88 -30.56 29.01 -8.44
C ILE E 88 -31.16 27.69 -7.98
N LEU E 89 -32.47 27.51 -8.01
CA LEU E 89 -33.09 26.20 -7.66
C LEU E 89 -33.20 25.32 -8.91
N ARG E 90 -32.85 25.84 -10.10
CA ARG E 90 -32.97 25.11 -11.39
C ARG E 90 -31.69 25.35 -12.21
N SER E 91 -31.76 26.19 -13.23
CA SER E 91 -30.71 26.34 -14.28
C SER E 91 -29.42 26.93 -13.69
N GLN E 92 -29.51 27.75 -12.64
CA GLN E 92 -28.34 28.51 -12.12
C GLN E 92 -27.89 27.90 -10.79
N TRP E 93 -28.31 26.66 -10.51
CA TRP E 93 -27.87 25.94 -9.30
C TRP E 93 -26.35 25.85 -9.34
N SER E 94 -25.69 25.94 -8.19
CA SER E 94 -24.25 25.63 -8.07
C SER E 94 -24.08 24.71 -6.87
N PRO E 95 -23.28 23.64 -7.01
CA PRO E 95 -22.95 22.77 -5.88
C PRO E 95 -22.22 23.47 -4.74
N ALA E 96 -21.72 24.69 -4.93
CA ALA E 96 -21.08 25.45 -3.84
C ALA E 96 -22.18 26.07 -2.95
N LEU E 97 -23.41 26.17 -3.44
CA LEU E 97 -24.52 26.67 -2.60
C LEU E 97 -24.86 25.62 -1.55
N THR E 98 -24.97 26.06 -0.30
CA THR E 98 -25.43 25.26 0.86
C THR E 98 -26.87 25.64 1.14
N ILE E 99 -27.56 24.86 1.97
CA ILE E 99 -28.97 25.20 2.32
C ILE E 99 -29.01 26.59 2.96
N SER E 100 -28.05 26.91 3.81
CA SER E 100 -27.92 28.23 4.49
C SER E 100 -27.92 29.35 3.44
N LYS E 101 -27.13 29.19 2.38
CA LYS E 101 -26.98 30.18 1.30
C LYS E 101 -28.27 30.24 0.49
N VAL E 102 -28.90 29.10 0.24
CA VAL E 102 -30.19 29.05 -0.52
C VAL E 102 -31.27 29.80 0.27
N LEU E 103 -31.34 29.57 1.56
CA LEU E 103 -32.36 30.22 2.43
C LEU E 103 -32.12 31.73 2.46
N LEU E 104 -30.86 32.13 2.54
CA LEU E 104 -30.52 33.56 2.54
C LEU E 104 -30.86 34.15 1.18
N SER E 105 -30.60 33.40 0.11
CA SER E 105 -30.94 33.81 -1.27
C SER E 105 -32.46 34.02 -1.40
N ILE E 106 -33.24 33.09 -0.86
CA ILE E 106 -34.72 33.16 -0.90
C ILE E 106 -35.15 34.38 -0.09
N CYS E 107 -34.56 34.58 1.09
CA CYS E 107 -34.84 35.76 1.93
C CYS E 107 -34.66 37.05 1.11
N SER E 108 -33.56 37.14 0.37
CA SER E 108 -33.20 38.32 -0.46
C SER E 108 -34.15 38.46 -1.66
N LEU E 109 -34.80 37.39 -2.07
CA LEU E 109 -35.80 37.44 -3.16
C LEU E 109 -37.08 38.13 -2.66
N LEU E 110 -37.38 38.02 -1.37
CA LEU E 110 -38.66 38.54 -0.81
C LEU E 110 -38.79 40.04 -1.15
N CYS E 111 -37.73 40.84 -1.00
CA CYS E 111 -37.77 42.29 -1.30
C CYS E 111 -37.11 42.61 -2.65
N ASP E 112 -36.84 41.60 -3.48
CA ASP E 112 -36.23 41.79 -4.83
C ASP E 112 -36.97 40.92 -5.83
N PRO E 113 -38.30 41.06 -5.97
CA PRO E 113 -39.07 40.17 -6.82
C PRO E 113 -38.79 40.44 -8.30
N ASN E 114 -39.14 39.48 -9.15
CA ASN E 114 -39.07 39.64 -10.63
C ASN E 114 -40.49 39.62 -11.16
N PRO E 115 -41.16 40.78 -11.28
CA PRO E 115 -42.53 40.81 -11.79
C PRO E 115 -42.62 40.66 -13.32
N ASP E 116 -41.50 40.73 -14.05
CA ASP E 116 -41.46 40.70 -15.53
C ASP E 116 -41.50 39.26 -16.04
N ASP E 117 -41.04 38.31 -15.23
CA ASP E 117 -41.12 36.85 -15.52
C ASP E 117 -41.72 36.15 -14.30
N PRO E 118 -43.01 36.37 -13.99
CA PRO E 118 -43.56 35.95 -12.70
C PRO E 118 -44.10 34.51 -12.66
N LEU E 119 -44.18 33.94 -11.46
CA LEU E 119 -44.88 32.64 -11.21
C LEU E 119 -46.38 32.93 -11.05
N VAL E 120 -46.73 34.10 -10.51
CA VAL E 120 -48.14 34.48 -10.21
C VAL E 120 -48.41 35.79 -10.93
N PRO E 121 -48.88 35.72 -12.20
CA PRO E 121 -49.07 36.92 -13.03
C PRO E 121 -49.93 38.02 -12.37
N GLU E 122 -50.96 37.62 -11.62
CA GLU E 122 -51.92 38.55 -10.94
C GLU E 122 -51.15 39.42 -9.94
N ILE E 123 -50.31 38.80 -9.11
CA ILE E 123 -49.55 39.51 -8.05
C ILE E 123 -48.53 40.44 -8.71
N ALA E 124 -47.88 39.98 -9.78
CA ALA E 124 -46.88 40.75 -10.55
C ALA E 124 -47.52 42.04 -11.10
N ARG E 125 -48.73 41.93 -11.68
CA ARG E 125 -49.49 43.08 -12.25
C ARG E 125 -49.70 44.15 -11.17
N ILE E 126 -50.14 43.74 -9.97
CA ILE E 126 -50.38 44.65 -8.81
C ILE E 126 -49.06 45.28 -8.36
N TYR E 127 -47.99 44.48 -8.28
CA TYR E 127 -46.64 44.96 -7.89
C TYR E 127 -46.20 46.09 -8.83
N LYS E 128 -46.41 45.89 -10.14
CA LYS E 128 -45.91 46.83 -11.18
C LYS E 128 -46.75 48.12 -11.21
N THR E 129 -48.06 48.04 -10.96
CA THR E 129 -49.01 49.16 -11.20
C THR E 129 -49.39 49.89 -9.91
N ASP E 130 -49.49 49.19 -8.77
CA ASP E 130 -49.96 49.78 -7.48
C ASP E 130 -49.19 49.19 -6.30
N ARG E 131 -47.96 49.65 -6.09
CA ARG E 131 -47.04 49.15 -5.04
C ARG E 131 -47.70 49.24 -3.67
N GLU E 132 -48.43 50.33 -3.39
CA GLU E 132 -49.07 50.57 -2.06
C GLU E 132 -50.07 49.44 -1.78
N LYS E 133 -50.83 49.02 -2.78
CA LYS E 133 -51.80 47.89 -2.69
C LYS E 133 -51.02 46.57 -2.49
N TYR E 134 -50.01 46.33 -3.32
CA TYR E 134 -49.09 45.16 -3.21
C TYR E 134 -48.61 45.04 -1.76
N ASN E 135 -48.04 46.12 -1.20
CA ASN E 135 -47.46 46.12 0.17
C ASN E 135 -48.54 45.84 1.22
N ARG E 136 -49.75 46.37 1.01
CA ARG E 136 -50.87 46.20 1.98
C ARG E 136 -51.26 44.72 2.03
N ILE E 137 -51.49 44.09 0.87
CA ILE E 137 -51.90 42.66 0.79
C ILE E 137 -50.77 41.79 1.35
N ALA E 138 -49.52 42.03 0.94
CA ALA E 138 -48.34 41.27 1.44
C ALA E 138 -48.31 41.35 2.97
N ARG E 139 -48.58 42.53 3.52
CA ARG E 139 -48.64 42.75 4.99
C ARG E 139 -49.84 41.99 5.57
N GLU E 140 -51.00 42.04 4.89
CA GLU E 140 -52.23 41.31 5.33
C GLU E 140 -51.91 39.82 5.41
N TRP E 141 -51.31 39.25 4.35
CA TRP E 141 -50.98 37.80 4.30
C TRP E 141 -49.95 37.47 5.37
N THR E 142 -48.95 38.33 5.59
CA THR E 142 -47.93 38.09 6.64
C THR E 142 -48.64 37.98 7.99
N GLN E 143 -49.54 38.91 8.27
CA GLN E 143 -50.32 38.94 9.54
C GLN E 143 -51.14 37.65 9.69
N LYS E 144 -51.86 37.28 8.64
CA LYS E 144 -52.79 36.12 8.60
C LYS E 144 -52.03 34.78 8.72
N TYR E 145 -50.93 34.56 7.98
CA TYR E 145 -50.30 33.22 7.84
C TYR E 145 -48.96 33.09 8.59
N ALA E 146 -48.21 34.17 8.72
CA ALA E 146 -46.79 34.14 9.16
C ALA E 146 -46.62 34.70 10.58
N MET E 147 -47.71 35.05 11.27
CA MET E 147 -47.66 35.59 12.65
C MET E 147 -48.59 34.80 13.57
N SER F 5 -11.46 53.82 9.15
CA SER F 5 -10.92 52.52 8.63
C SER F 5 -11.24 51.38 9.62
N MET F 6 -11.88 50.32 9.13
CA MET F 6 -12.47 49.25 9.98
C MET F 6 -12.39 47.89 9.26
N GLN F 7 -12.61 46.82 10.00
CA GLN F 7 -12.67 45.43 9.46
C GLN F 7 -14.13 45.03 9.36
N ILE F 8 -14.50 44.44 8.21
CA ILE F 8 -15.77 43.69 8.10
C ILE F 8 -15.42 42.27 7.65
N PHE F 9 -16.36 41.38 7.91
CA PHE F 9 -16.27 39.95 7.51
C PHE F 9 -17.22 39.72 6.35
N VAL F 10 -16.77 38.87 5.44
CA VAL F 10 -17.64 38.34 4.36
C VAL F 10 -17.61 36.82 4.48
N LYS F 11 -18.79 36.24 4.57
CA LYS F 11 -18.94 34.77 4.48
C LYS F 11 -19.08 34.44 2.99
N THR F 12 -18.03 33.86 2.41
CA THR F 12 -17.95 33.57 0.95
C THR F 12 -18.87 32.41 0.62
N LEU F 13 -18.98 32.09 -0.67
CA LEU F 13 -20.00 31.12 -1.15
C LEU F 13 -19.77 29.79 -0.43
N THR F 14 -18.51 29.38 -0.26
CA THR F 14 -18.18 28.07 0.34
C THR F 14 -18.25 28.12 1.87
N GLY F 15 -18.49 29.28 2.46
CA GLY F 15 -18.62 29.43 3.93
C GLY F 15 -17.32 29.81 4.60
N LYS F 16 -16.23 29.94 3.84
CA LYS F 16 -14.96 30.57 4.31
C LYS F 16 -15.28 32.02 4.69
N THR F 17 -14.74 32.47 5.81
CA THR F 17 -14.87 33.87 6.27
C THR F 17 -13.61 34.60 5.82
N ILE F 18 -13.78 35.72 5.11
CA ILE F 18 -12.64 36.61 4.77
C ILE F 18 -12.82 37.93 5.52
N THR F 19 -11.70 38.60 5.76
CA THR F 19 -11.64 39.92 6.42
C THR F 19 -11.30 40.96 5.37
N LEU F 20 -12.10 42.03 5.33
CA LEU F 20 -11.85 43.17 4.42
C LEU F 20 -11.56 44.41 5.27
N GLU F 21 -10.59 45.20 4.83
CA GLU F 21 -10.29 46.54 5.38
C GLU F 21 -11.10 47.56 4.55
N VAL F 22 -12.05 48.22 5.19
CA VAL F 22 -13.03 49.11 4.53
C VAL F 22 -13.19 50.39 5.36
N GLU F 23 -13.89 51.38 4.78
CA GLU F 23 -14.28 52.66 5.41
C GLU F 23 -15.79 52.69 5.31
N PRO F 24 -16.50 53.35 6.25
CA PRO F 24 -17.95 53.48 6.16
C PRO F 24 -18.39 54.12 4.83
N SER F 25 -17.54 54.94 4.24
CA SER F 25 -17.84 55.67 2.98
C SER F 25 -17.56 54.78 1.74
N ASP F 26 -17.04 53.57 1.91
CA ASP F 26 -16.85 52.61 0.78
C ASP F 26 -18.22 52.20 0.21
N THR F 27 -18.33 52.17 -1.11
CA THR F 27 -19.53 51.66 -1.80
C THR F 27 -19.53 50.12 -1.75
N ILE F 28 -20.71 49.55 -1.89
CA ILE F 28 -20.88 48.09 -2.09
C ILE F 28 -20.05 47.70 -3.32
N GLU F 29 -20.01 48.52 -4.36
CA GLU F 29 -19.18 48.28 -5.57
C GLU F 29 -17.73 48.09 -5.16
N ASN F 30 -17.20 48.94 -4.26
CA ASN F 30 -15.80 48.83 -3.78
C ASN F 30 -15.63 47.52 -2.99
N VAL F 31 -16.59 47.16 -2.17
CA VAL F 31 -16.53 45.86 -1.43
C VAL F 31 -16.46 44.70 -2.44
N LYS F 32 -17.29 44.73 -3.49
CA LYS F 32 -17.29 43.65 -4.51
C LYS F 32 -15.92 43.60 -5.21
N ALA F 33 -15.30 44.76 -5.47
CA ALA F 33 -13.97 44.84 -6.11
C ALA F 33 -12.95 44.18 -5.18
N LYS F 34 -13.07 44.38 -3.85
CA LYS F 34 -12.11 43.76 -2.90
C LYS F 34 -12.33 42.25 -2.85
N ILE F 35 -13.57 41.80 -2.89
CA ILE F 35 -13.87 40.34 -2.92
C ILE F 35 -13.30 39.76 -4.21
N GLN F 36 -13.45 40.46 -5.34
CA GLN F 36 -12.90 39.98 -6.63
C GLN F 36 -11.39 39.78 -6.52
N ASP F 37 -10.69 40.73 -5.89
CA ASP F 37 -9.22 40.67 -5.74
C ASP F 37 -8.85 39.48 -4.84
N LYS F 38 -9.65 39.21 -3.79
CA LYS F 38 -9.31 38.13 -2.83
C LYS F 38 -9.77 36.77 -3.37
N GLU F 39 -10.90 36.69 -4.09
CA GLU F 39 -11.59 35.40 -4.34
C GLU F 39 -11.76 35.10 -5.84
N GLY F 40 -11.48 36.06 -6.73
CA GLY F 40 -11.59 35.89 -8.19
C GLY F 40 -13.03 35.72 -8.63
N ILE F 41 -13.99 36.29 -7.89
CA ILE F 41 -15.43 36.28 -8.27
C ILE F 41 -15.75 37.61 -8.94
N PRO F 42 -16.17 37.61 -10.23
CA PRO F 42 -16.58 38.86 -10.86
C PRO F 42 -17.70 39.52 -10.06
N PRO F 43 -17.68 40.86 -9.91
CA PRO F 43 -18.74 41.57 -9.21
C PRO F 43 -20.18 41.26 -9.69
N ASP F 44 -20.37 41.04 -10.99
CA ASP F 44 -21.71 40.73 -11.55
C ASP F 44 -22.20 39.37 -11.02
N GLN F 45 -21.33 38.47 -10.53
CA GLN F 45 -21.81 37.18 -9.95
C GLN F 45 -21.95 37.29 -8.43
N GLN F 46 -21.62 38.44 -7.84
CA GLN F 46 -21.67 38.62 -6.37
C GLN F 46 -23.00 39.26 -5.98
N ARG F 47 -23.67 38.63 -5.03
CA ARG F 47 -24.86 39.19 -4.37
C ARG F 47 -24.55 39.22 -2.89
N LEU F 48 -24.38 40.41 -2.34
CA LEU F 48 -24.06 40.60 -0.92
C LEU F 48 -25.36 40.85 -0.18
N ILE F 49 -25.52 40.16 0.94
CA ILE F 49 -26.74 40.23 1.77
C ILE F 49 -26.35 40.65 3.18
N PHE F 50 -27.15 41.55 3.72
CA PHE F 50 -27.07 41.98 5.13
C PHE F 50 -28.49 42.22 5.63
N ALA F 51 -28.79 41.68 6.81
CA ALA F 51 -30.14 41.73 7.43
C ALA F 51 -31.19 41.26 6.44
N GLY F 52 -30.88 40.21 5.68
CA GLY F 52 -31.86 39.53 4.81
C GLY F 52 -32.13 40.27 3.52
N LYS F 53 -31.40 41.34 3.22
CA LYS F 53 -31.60 42.12 1.97
C LYS F 53 -30.30 42.16 1.15
N GLN F 54 -30.44 42.17 -0.17
CA GLN F 54 -29.31 42.39 -1.11
C GLN F 54 -28.84 43.84 -0.98
N LEU F 55 -27.53 44.06 -1.08
CA LEU F 55 -26.91 45.41 -0.99
C LEU F 55 -26.66 45.94 -2.41
N GLU F 56 -27.10 47.17 -2.67
CA GLU F 56 -27.00 47.83 -4.00
C GLU F 56 -25.64 48.51 -4.15
N ASP F 57 -25.06 48.36 -5.34
CA ASP F 57 -23.67 48.74 -5.69
C ASP F 57 -23.36 50.19 -5.36
N GLY F 58 -24.30 51.12 -5.64
CA GLY F 58 -24.05 52.57 -5.53
C GLY F 58 -24.14 53.08 -4.09
N ARG F 59 -24.62 52.26 -3.15
CA ARG F 59 -24.81 52.70 -1.74
C ARG F 59 -23.53 52.42 -0.95
N THR F 60 -23.35 53.11 0.18
CA THR F 60 -22.15 52.96 1.05
C THR F 60 -22.47 52.02 2.21
N LEU F 61 -21.43 51.53 2.87
CA LEU F 61 -21.59 50.72 4.10
C LEU F 61 -22.39 51.51 5.14
N SER F 62 -22.10 52.81 5.31
CA SER F 62 -22.82 53.71 6.25
C SER F 62 -24.31 53.79 5.87
N ASP F 63 -24.64 53.86 4.58
CA ASP F 63 -26.05 53.90 4.09
C ASP F 63 -26.84 52.69 4.64
N TYR F 64 -26.18 51.54 4.78
CA TYR F 64 -26.82 50.28 5.23
C TYR F 64 -26.59 50.06 6.73
N ASN F 65 -26.00 51.03 7.42
CA ASN F 65 -25.70 50.94 8.87
C ASN F 65 -24.86 49.67 9.11
N ILE F 66 -23.93 49.38 8.21
CA ILE F 66 -22.92 48.30 8.38
C ILE F 66 -21.79 48.88 9.22
N GLN F 67 -21.64 48.36 10.44
CA GLN F 67 -20.67 48.83 11.45
C GLN F 67 -19.47 47.90 11.51
N LYS F 68 -18.46 48.27 12.31
CA LYS F 68 -17.20 47.51 12.52
C LYS F 68 -17.53 46.04 12.85
N GLU F 69 -16.81 45.09 12.25
CA GLU F 69 -16.90 43.63 12.51
C GLU F 69 -18.31 43.09 12.18
N SER F 70 -19.11 43.81 11.40
CA SER F 70 -20.32 43.26 10.74
C SER F 70 -19.90 42.11 9.81
N THR F 71 -20.83 41.20 9.55
CA THR F 71 -20.61 40.07 8.61
C THR F 71 -21.57 40.27 7.44
N LEU F 72 -21.02 40.35 6.23
CA LEU F 72 -21.84 40.32 5.01
C LEU F 72 -21.86 38.87 4.52
N HIS F 73 -22.96 38.50 3.87
CA HIS F 73 -23.17 37.13 3.35
C HIS F 73 -23.09 37.17 1.84
N LEU F 74 -22.15 36.46 1.26
CA LEU F 74 -22.01 36.41 -0.20
C LEU F 74 -22.78 35.21 -0.72
N VAL F 75 -23.69 35.44 -1.64
CA VAL F 75 -24.38 34.36 -2.39
C VAL F 75 -24.17 34.67 -3.86
N LEU F 76 -24.74 33.83 -4.71
CA LEU F 76 -24.59 34.01 -6.16
C LEU F 76 -25.71 34.91 -6.68
N ARG F 77 -25.36 35.62 -7.75
CA ARG F 77 -26.34 36.37 -8.56
C ARG F 77 -27.53 35.45 -8.82
N LEU F 78 -28.73 35.96 -8.60
CA LEU F 78 -29.97 35.17 -8.72
C LEU F 78 -31.01 36.04 -9.38
N ARG F 79 -32.07 35.40 -9.86
CA ARG F 79 -33.19 36.04 -10.55
C ARG F 79 -34.43 35.22 -10.21
N GLY F 80 -35.43 35.85 -9.60
CA GLY F 80 -36.77 35.27 -9.46
C GLY F 80 -37.35 35.02 -10.85
N GLY F 81 -38.26 34.07 -10.97
CA GLY F 81 -38.89 33.73 -12.26
C GLY F 81 -40.32 33.21 -12.10
N LEU G 12 9.56 -31.25 -0.06
CA LEU G 12 11.01 -31.14 0.36
C LEU G 12 11.65 -29.83 -0.17
N THR G 13 11.08 -29.19 -1.20
CA THR G 13 11.46 -27.82 -1.68
C THR G 13 10.63 -26.74 -0.98
N SER G 14 9.77 -27.09 -0.01
CA SER G 14 9.03 -26.08 0.81
C SER G 14 10.02 -25.38 1.76
N VAL G 15 11.24 -25.93 1.91
CA VAL G 15 12.35 -25.45 2.81
C VAL G 15 13.40 -24.59 2.07
N GLU G 16 13.60 -24.74 0.76
CA GLU G 16 14.56 -23.93 -0.04
C GLU G 16 14.04 -22.49 -0.13
N PRO G 17 14.90 -21.49 -0.41
CA PRO G 17 14.43 -20.10 -0.40
C PRO G 17 13.61 -19.73 -1.63
N CYS G 18 12.98 -18.57 -1.55
CA CYS G 18 12.32 -17.87 -2.67
C CYS G 18 13.16 -18.04 -3.93
N VAL G 19 12.54 -18.46 -5.03
CA VAL G 19 13.30 -18.70 -6.30
C VAL G 19 13.72 -17.36 -6.92
N ILE G 20 13.13 -16.26 -6.48
CA ILE G 20 13.40 -14.91 -7.08
C ILE G 20 14.60 -14.26 -6.36
N CYS G 21 14.54 -14.08 -5.03
CA CYS G 21 15.58 -13.33 -4.26
C CYS G 21 16.61 -14.29 -3.64
N GLN G 22 16.29 -15.58 -3.53
CA GLN G 22 17.17 -16.63 -2.96
C GLN G 22 17.55 -16.31 -1.50
N THR G 23 16.82 -15.44 -0.81
CA THR G 23 17.13 -15.04 0.58
C THR G 23 15.99 -15.46 1.52
N ARG G 24 14.76 -15.11 1.20
CA ARG G 24 13.62 -15.25 2.15
C ARG G 24 12.91 -16.58 1.92
N PRO G 25 12.14 -17.07 2.91
CA PRO G 25 11.39 -18.30 2.74
C PRO G 25 10.22 -18.15 1.75
N LYS G 26 9.74 -19.28 1.26
CA LYS G 26 8.62 -19.31 0.30
C LYS G 26 7.33 -19.17 1.12
N ASN G 27 6.90 -17.96 1.40
CA ASN G 27 5.70 -17.69 2.22
C ASN G 27 4.75 -16.76 1.47
N GLY G 28 4.98 -16.54 0.18
CA GLY G 28 4.12 -15.65 -0.64
C GLY G 28 3.26 -16.44 -1.64
N CYS G 29 2.13 -16.99 -1.22
CA CYS G 29 1.36 -17.87 -2.11
C CYS G 29 0.65 -17.07 -3.19
N ILE G 30 0.92 -17.39 -4.46
CA ILE G 30 0.25 -16.71 -5.60
C ILE G 30 -1.06 -17.44 -5.89
N VAL G 31 -2.18 -16.80 -5.58
CA VAL G 31 -3.50 -17.45 -5.68
C VAL G 31 -4.20 -17.04 -6.97
N HIS G 32 -4.78 -18.01 -7.64
CA HIS G 32 -5.66 -17.85 -8.84
C HIS G 32 -6.78 -18.89 -8.75
N GLY G 33 -7.95 -18.45 -8.31
CA GLY G 33 -9.12 -19.32 -8.14
C GLY G 33 -8.89 -20.28 -7.00
N ARG G 34 -8.96 -21.58 -7.25
CA ARG G 34 -8.92 -22.59 -6.16
C ARG G 34 -7.48 -23.11 -5.98
N THR G 35 -6.55 -22.59 -6.77
CA THR G 35 -5.15 -23.08 -6.70
C THR G 35 -4.20 -21.93 -6.40
N GLY G 36 -3.02 -22.31 -5.92
CA GLY G 36 -1.96 -21.38 -5.60
C GLY G 36 -0.63 -22.00 -5.96
N HIS G 37 0.29 -21.18 -6.43
CA HIS G 37 1.69 -21.57 -6.63
C HIS G 37 2.53 -20.87 -5.57
N LEU G 38 3.27 -21.64 -4.80
CA LEU G 38 4.07 -21.13 -3.69
C LEU G 38 5.54 -21.43 -4.03
N MET G 39 6.24 -20.42 -4.56
CA MET G 39 7.66 -20.56 -4.94
C MET G 39 8.42 -19.29 -4.56
N ALA G 40 7.71 -18.26 -4.11
CA ALA G 40 8.31 -16.94 -3.85
C ALA G 40 7.97 -16.51 -2.44
N CYS G 41 8.77 -15.58 -1.90
CA CYS G 41 8.45 -14.94 -0.61
C CYS G 41 7.33 -13.92 -0.84
N TYR G 42 6.75 -13.48 0.26
CA TYR G 42 5.69 -12.46 0.24
C TYR G 42 6.22 -11.19 -0.44
N THR G 43 7.44 -10.76 -0.13
CA THR G 43 8.04 -9.53 -0.74
C THR G 43 8.02 -9.64 -2.25
N CYS G 44 8.61 -10.72 -2.80
CA CYS G 44 8.72 -10.89 -4.27
C CYS G 44 7.33 -11.08 -4.87
N ALA G 45 6.46 -11.87 -4.25
CA ALA G 45 5.09 -12.12 -4.80
C ALA G 45 4.30 -10.83 -4.86
N LYS G 46 4.39 -10.01 -3.81
CA LYS G 46 3.65 -8.71 -3.76
C LYS G 46 4.14 -7.81 -4.90
N LYS G 47 5.46 -7.78 -5.12
CA LYS G 47 6.04 -6.98 -6.23
C LYS G 47 5.44 -7.41 -7.55
N LEU G 48 5.31 -8.73 -7.80
CA LEU G 48 4.68 -9.22 -9.05
C LEU G 48 3.26 -8.72 -9.17
N LYS G 49 2.48 -8.91 -8.11
CA LYS G 49 1.05 -8.50 -8.15
C LYS G 49 0.99 -6.98 -8.38
N LYS G 50 1.79 -6.22 -7.65
CA LYS G 50 1.79 -4.72 -7.74
C LYS G 50 2.16 -4.28 -9.17
N ARG G 51 3.01 -5.05 -9.87
CA ARG G 51 3.40 -4.77 -11.27
C ARG G 51 2.42 -5.39 -12.28
N ASN G 52 1.28 -5.90 -11.81
CA ASN G 52 0.22 -6.51 -12.67
C ASN G 52 0.78 -7.71 -13.47
N LYS G 53 1.71 -8.48 -12.92
CA LYS G 53 2.30 -9.64 -13.66
C LYS G 53 1.48 -10.89 -13.37
N PRO G 54 1.41 -11.87 -14.30
CA PRO G 54 0.69 -13.11 -14.05
C PRO G 54 1.55 -14.06 -13.22
N CYS G 55 0.98 -15.20 -12.86
CA CYS G 55 1.72 -16.19 -12.06
C CYS G 55 2.96 -16.59 -12.86
N PRO G 56 4.16 -16.60 -12.25
CA PRO G 56 5.37 -16.96 -12.98
C PRO G 56 5.43 -18.41 -13.49
N VAL G 57 4.67 -19.33 -12.90
CA VAL G 57 4.81 -20.76 -13.33
C VAL G 57 3.66 -21.14 -14.24
N CYS G 58 2.47 -20.53 -14.14
CA CYS G 58 1.30 -21.01 -14.93
C CYS G 58 0.69 -19.91 -15.80
N ARG G 59 1.12 -18.66 -15.62
CA ARG G 59 0.65 -17.46 -16.37
C ARG G 59 -0.80 -17.12 -16.07
N GLU G 60 -1.45 -17.74 -15.09
CA GLU G 60 -2.82 -17.29 -14.70
C GLU G 60 -2.72 -15.89 -14.09
N PRO G 61 -3.73 -15.01 -14.28
CA PRO G 61 -3.79 -13.76 -13.55
C PRO G 61 -3.69 -14.01 -12.04
N ILE G 62 -2.97 -13.15 -11.33
CA ILE G 62 -2.86 -13.27 -9.86
C ILE G 62 -4.10 -12.63 -9.25
N GLN G 63 -4.90 -13.43 -8.53
CA GLN G 63 -6.09 -12.94 -7.81
C GLN G 63 -5.60 -12.25 -6.54
N MET G 64 -4.69 -12.88 -5.79
CA MET G 64 -4.23 -12.30 -4.54
C MET G 64 -2.95 -13.01 -4.15
N ILE G 65 -2.19 -12.34 -3.30
CA ILE G 65 -1.03 -12.94 -2.63
C ILE G 65 -1.48 -13.24 -1.22
N VAL G 66 -1.19 -14.44 -0.76
CA VAL G 66 -1.51 -14.80 0.64
C VAL G 66 -0.21 -15.03 1.36
N LEU G 67 0.00 -14.33 2.47
CA LEU G 67 1.18 -14.60 3.33
C LEU G 67 0.87 -15.92 4.05
N THR G 68 1.63 -16.94 3.73
CA THR G 68 1.35 -18.34 4.11
C THR G 68 2.27 -18.74 5.26
N TYR G 69 1.67 -19.25 6.33
CA TYR G 69 2.43 -19.79 7.49
C TYR G 69 2.29 -21.31 7.48
N PHE G 70 3.39 -22.02 7.58
CA PHE G 70 3.44 -23.49 7.71
C PHE G 70 3.36 -23.84 9.20
N SER G 71 2.17 -24.13 9.69
CA SER G 71 1.98 -24.72 11.04
C SER G 71 2.28 -26.23 10.92
N ALA H 2 19.36 -8.72 -7.66
CA ALA H 2 19.70 -9.51 -8.88
C ALA H 2 20.94 -10.38 -8.63
N LEU H 3 21.91 -9.90 -7.86
CA LEU H 3 23.25 -10.53 -7.80
C LEU H 3 23.13 -11.92 -7.16
N LYS H 4 22.36 -12.07 -6.09
CA LYS H 4 22.26 -13.38 -5.41
C LYS H 4 21.57 -14.38 -6.35
N ARG H 5 20.59 -13.94 -7.11
CA ARG H 5 19.83 -14.82 -8.05
C ARG H 5 20.81 -15.24 -9.16
N ILE H 6 21.58 -14.30 -9.70
CA ILE H 6 22.56 -14.58 -10.77
C ILE H 6 23.62 -15.57 -10.26
N HIS H 7 24.14 -15.37 -9.05
CA HIS H 7 25.14 -16.30 -8.45
C HIS H 7 24.55 -17.71 -8.30
N LYS H 8 23.32 -17.79 -7.79
CA LYS H 8 22.61 -19.09 -7.63
C LYS H 8 22.52 -19.78 -9.00
N GLU H 9 22.16 -19.06 -10.06
CA GLU H 9 22.03 -19.66 -11.41
C GLU H 9 23.41 -20.19 -11.84
N LEU H 10 24.46 -19.40 -11.63
CA LEU H 10 25.82 -19.81 -12.03
C LEU H 10 26.22 -21.07 -11.24
N ASN H 11 25.97 -21.10 -9.93
CA ASN H 11 26.28 -22.27 -9.07
C ASN H 11 25.52 -23.50 -9.55
N ASP H 12 24.27 -23.32 -9.99
CA ASP H 12 23.41 -24.44 -10.47
C ASP H 12 23.95 -24.96 -11.80
N LEU H 13 24.42 -24.09 -12.68
CA LEU H 13 25.04 -24.47 -13.98
C LEU H 13 26.29 -25.32 -13.71
N ALA H 14 27.12 -24.90 -12.74
CA ALA H 14 28.35 -25.62 -12.33
C ALA H 14 27.98 -27.02 -11.80
N ARG H 15 26.94 -27.07 -10.95
CA ARG H 15 26.48 -28.30 -10.22
C ARG H 15 25.83 -29.29 -11.19
N ASP H 16 25.05 -28.81 -12.18
CA ASP H 16 24.10 -29.66 -12.96
C ASP H 16 24.86 -30.39 -14.07
N PRO H 17 24.31 -31.51 -14.63
CA PRO H 17 24.94 -32.16 -15.78
C PRO H 17 25.09 -31.24 -16.99
N PRO H 18 26.21 -31.35 -17.75
CA PRO H 18 26.37 -30.60 -19.00
C PRO H 18 25.16 -30.74 -19.92
N ALA H 19 24.83 -29.64 -20.63
CA ALA H 19 23.54 -29.44 -21.30
C ALA H 19 23.74 -29.04 -22.78
N GLN H 20 22.67 -28.94 -23.54
CA GLN H 20 22.59 -28.34 -24.90
C GLN H 20 23.26 -26.95 -24.93
N CYS H 21 23.23 -26.24 -23.80
CA CYS H 21 23.61 -24.80 -23.70
C CYS H 21 24.56 -24.61 -22.51
N ARG H 22 25.49 -23.67 -22.66
CA ARG H 22 26.47 -23.30 -21.62
C ARG H 22 26.43 -21.77 -21.52
N ALA H 23 26.62 -21.24 -20.33
CA ALA H 23 26.67 -19.79 -20.13
C ALA H 23 27.49 -19.49 -18.88
N GLY H 24 28.17 -18.35 -18.91
CA GLY H 24 28.91 -17.86 -17.74
C GLY H 24 29.34 -16.43 -17.98
N PRO H 25 29.75 -15.76 -16.89
CA PRO H 25 30.15 -14.35 -16.96
C PRO H 25 31.34 -14.13 -17.91
N VAL H 26 31.32 -12.99 -18.59
CA VAL H 26 32.49 -12.41 -19.33
C VAL H 26 33.28 -11.64 -18.27
N GLY H 27 34.52 -12.09 -18.00
CA GLY H 27 35.37 -11.52 -16.96
C GLY H 27 34.71 -11.55 -15.59
N ASP H 28 34.82 -10.45 -14.84
CA ASP H 28 34.36 -10.36 -13.42
C ASP H 28 33.00 -9.63 -13.37
N ASP H 29 32.43 -9.27 -14.53
CA ASP H 29 31.13 -8.57 -14.60
C ASP H 29 30.00 -9.61 -14.60
N MET H 30 29.40 -9.83 -13.43
CA MET H 30 28.35 -10.85 -13.20
C MET H 30 27.09 -10.54 -14.03
N PHE H 31 26.92 -9.31 -14.53
CA PHE H 31 25.71 -8.87 -15.30
C PHE H 31 25.91 -9.04 -16.82
N HIS H 32 27.07 -9.51 -17.26
CA HIS H 32 27.36 -9.70 -18.72
CA HIS H 32 27.36 -9.71 -18.72
C HIS H 32 27.87 -11.13 -18.92
N TRP H 33 27.07 -11.96 -19.58
CA TRP H 33 27.40 -13.38 -19.78
C TRP H 33 27.59 -13.64 -21.27
N GLN H 34 28.29 -14.72 -21.53
CA GLN H 34 28.44 -15.32 -22.86
C GLN H 34 27.75 -16.67 -22.77
N ALA H 35 27.08 -17.06 -23.85
CA ALA H 35 26.42 -18.37 -23.89
C ALA H 35 26.76 -19.04 -25.22
N THR H 36 26.72 -20.37 -25.20
CA THR H 36 26.72 -21.22 -26.41
C THR H 36 25.46 -22.08 -26.41
N ILE H 37 24.89 -22.26 -27.58
CA ILE H 37 23.85 -23.30 -27.84
C ILE H 37 24.42 -24.23 -28.91
N MET H 38 24.34 -25.53 -28.69
CA MET H 38 24.60 -26.55 -29.75
C MET H 38 23.36 -26.63 -30.64
N GLY H 39 23.54 -26.52 -31.94
CA GLY H 39 22.46 -26.75 -32.90
C GLY H 39 21.84 -28.11 -32.63
N PRO H 40 20.50 -28.26 -32.62
CA PRO H 40 19.89 -29.56 -32.38
C PRO H 40 20.27 -30.56 -33.48
N ASN H 41 20.47 -31.82 -33.07
CA ASN H 41 20.70 -32.96 -33.99
C ASN H 41 19.50 -33.08 -34.91
N ASP H 42 19.70 -33.61 -36.12
CA ASP H 42 18.64 -33.91 -37.11
C ASP H 42 17.87 -32.63 -37.41
N SER H 43 18.59 -31.57 -37.73
CA SER H 43 18.05 -30.24 -38.10
C SER H 43 19.06 -29.58 -39.04
N PRO H 44 18.68 -28.50 -39.76
CA PRO H 44 19.63 -27.75 -40.56
C PRO H 44 20.78 -27.12 -39.75
N TYR H 45 20.66 -27.06 -38.41
CA TYR H 45 21.63 -26.41 -37.49
C TYR H 45 22.56 -27.42 -36.86
N GLN H 46 22.41 -28.70 -37.21
CA GLN H 46 23.19 -29.78 -36.53
C GLN H 46 24.68 -29.52 -36.73
N GLY H 47 25.47 -29.78 -35.68
CA GLY H 47 26.92 -29.58 -35.72
C GLY H 47 27.30 -28.15 -35.37
N GLY H 48 26.34 -27.22 -35.46
CA GLY H 48 26.59 -25.79 -35.20
C GLY H 48 26.82 -25.51 -33.75
N VAL H 49 27.74 -24.59 -33.43
CA VAL H 49 27.85 -23.95 -32.10
C VAL H 49 27.56 -22.46 -32.27
N PHE H 50 26.53 -21.98 -31.58
CA PHE H 50 25.99 -20.61 -31.73
C PHE H 50 26.27 -19.85 -30.45
N PHE H 51 26.99 -18.71 -30.58
CA PHE H 51 27.39 -17.84 -29.47
C PHE H 51 26.29 -16.79 -29.28
N LEU H 52 26.00 -16.50 -28.02
CA LEU H 52 25.03 -15.44 -27.66
C LEU H 52 25.70 -14.55 -26.61
N THR H 53 25.21 -13.33 -26.50
CA THR H 53 25.52 -12.44 -25.35
C THR H 53 24.28 -12.30 -24.48
N ILE H 54 24.50 -12.26 -23.18
CA ILE H 54 23.41 -12.04 -22.18
C ILE H 54 23.76 -10.83 -21.31
N HIS H 55 22.85 -9.87 -21.28
CA HIS H 55 22.92 -8.69 -20.38
CA HIS H 55 22.92 -8.69 -20.38
C HIS H 55 21.75 -8.77 -19.38
N PHE H 56 22.06 -8.96 -18.10
CA PHE H 56 21.06 -8.97 -17.01
C PHE H 56 20.78 -7.55 -16.58
N PRO H 57 19.51 -7.10 -16.55
CA PRO H 57 19.19 -5.75 -16.06
C PRO H 57 19.32 -5.74 -14.53
N THR H 58 19.37 -4.56 -13.93
CA THR H 58 19.52 -4.41 -12.45
C THR H 58 18.30 -5.00 -11.72
N ASP H 59 17.11 -5.03 -12.35
CA ASP H 59 15.88 -5.58 -11.74
C ASP H 59 15.64 -7.06 -12.15
N TYR H 60 16.63 -7.74 -12.71
CA TYR H 60 16.57 -9.21 -12.91
C TYR H 60 16.30 -9.88 -11.56
N PRO H 61 15.41 -10.90 -11.47
CA PRO H 61 14.69 -11.46 -12.62
C PRO H 61 13.27 -10.96 -12.85
N PHE H 62 12.89 -9.82 -12.30
CA PHE H 62 11.54 -9.26 -12.57
C PHE H 62 11.48 -8.80 -14.02
N LYS H 63 12.63 -8.32 -14.51
CA LYS H 63 12.81 -7.85 -15.89
C LYS H 63 13.67 -8.89 -16.61
N PRO H 64 13.40 -9.13 -17.90
CA PRO H 64 14.08 -10.19 -18.63
C PRO H 64 15.53 -9.87 -18.94
N PRO H 65 16.39 -10.87 -19.12
CA PRO H 65 17.73 -10.63 -19.67
C PRO H 65 17.61 -10.21 -21.13
N LYS H 66 18.58 -9.44 -21.61
CA LYS H 66 18.70 -9.08 -23.04
C LYS H 66 19.59 -10.14 -23.66
N VAL H 67 19.08 -10.85 -24.65
CA VAL H 67 19.74 -12.05 -25.22
C VAL H 67 19.79 -11.87 -26.72
N ALA H 68 21.01 -11.95 -27.29
CA ALA H 68 21.19 -11.79 -28.74
C ALA H 68 22.27 -12.77 -29.23
N PHE H 69 22.08 -13.30 -30.42
CA PHE H 69 23.09 -14.16 -31.10
C PHE H 69 24.26 -13.25 -31.52
N THR H 70 25.48 -13.70 -31.32
CA THR H 70 26.66 -13.11 -31.99
C THR H 70 26.94 -13.92 -33.25
N THR H 71 26.73 -15.24 -33.23
CA THR H 71 26.84 -16.10 -34.43
C THR H 71 25.66 -15.82 -35.35
N ARG H 72 25.91 -15.55 -36.62
CA ARG H 72 24.82 -15.37 -37.63
C ARG H 72 24.10 -16.72 -37.79
N ILE H 73 22.78 -16.67 -37.92
CA ILE H 73 21.95 -17.90 -38.03
C ILE H 73 20.84 -17.56 -38.98
N TYR H 74 20.42 -18.54 -39.77
CA TYR H 74 19.32 -18.38 -40.75
C TYR H 74 18.02 -18.85 -40.12
N HIS H 75 17.13 -17.90 -39.81
CA HIS H 75 15.86 -18.22 -39.12
C HIS H 75 14.88 -17.08 -39.32
N PRO H 76 13.57 -17.36 -39.45
CA PRO H 76 12.57 -16.32 -39.63
C PRO H 76 12.34 -15.40 -38.43
N ASN H 77 12.75 -15.82 -37.23
CA ASN H 77 12.49 -15.05 -35.97
C ASN H 77 13.78 -14.55 -35.37
N ILE H 78 14.90 -14.64 -36.09
CA ILE H 78 16.23 -14.15 -35.65
C ILE H 78 16.83 -13.37 -36.82
N ASN H 79 17.21 -12.12 -36.64
CA ASN H 79 17.65 -11.28 -37.79
C ASN H 79 19.17 -11.29 -37.84
N SER H 80 19.73 -10.59 -38.83
CA SER H 80 21.19 -10.55 -39.11
C SER H 80 21.95 -9.74 -38.06
N ASN H 81 21.23 -9.00 -37.19
CA ASN H 81 21.81 -8.33 -36.00
C ASN H 81 21.85 -9.27 -34.80
N GLY H 82 21.33 -10.50 -34.95
CA GLY H 82 21.33 -11.51 -33.87
C GLY H 82 20.15 -11.33 -32.90
N SER H 83 19.23 -10.42 -33.21
CA SER H 83 18.02 -10.14 -32.40
C SER H 83 17.02 -11.29 -32.54
N ILE H 84 16.46 -11.69 -31.40
CA ILE H 84 15.53 -12.82 -31.29
C ILE H 84 14.17 -12.24 -30.95
N LYS H 85 13.19 -12.39 -31.82
CA LYS H 85 11.83 -11.95 -31.51
C LYS H 85 11.06 -13.17 -31.02
N LEU H 86 10.85 -13.20 -29.72
CA LEU H 86 10.41 -14.37 -28.93
C LEU H 86 9.72 -13.81 -27.71
N ASP H 87 8.44 -14.19 -27.51
CA ASP H 87 7.57 -13.57 -26.48
C ASP H 87 8.19 -13.72 -25.08
N ILE H 88 8.83 -14.85 -24.75
CA ILE H 88 9.37 -15.05 -23.37
C ILE H 88 10.51 -14.09 -23.09
N LEU H 89 11.10 -13.45 -24.11
CA LEU H 89 12.14 -12.45 -23.84
C LEU H 89 11.52 -11.07 -23.55
N ARG H 90 10.21 -10.91 -23.77
CA ARG H 90 9.52 -9.60 -23.62
C ARG H 90 8.21 -9.78 -22.87
N SER H 91 7.07 -9.83 -23.55
CA SER H 91 5.72 -9.78 -22.94
C SER H 91 5.43 -11.03 -22.08
N GLN H 92 6.04 -12.19 -22.41
CA GLN H 92 5.70 -13.47 -21.76
C GLN H 92 6.87 -13.90 -20.87
N TRP H 93 7.74 -12.96 -20.52
CA TRP H 93 8.84 -13.22 -19.57
C TRP H 93 8.23 -13.68 -18.26
N SER H 94 8.89 -14.59 -17.58
CA SER H 94 8.54 -15.02 -16.22
C SER H 94 9.81 -15.01 -15.40
N PRO H 95 9.78 -14.44 -14.18
CA PRO H 95 10.92 -14.51 -13.27
C PRO H 95 11.30 -15.93 -12.86
N ALA H 96 10.46 -16.92 -13.12
CA ALA H 96 10.81 -18.33 -12.82
C ALA H 96 11.72 -18.86 -13.94
N LEU H 97 11.74 -18.23 -15.11
CA LEU H 97 12.74 -18.61 -16.16
C LEU H 97 14.15 -18.26 -15.67
N THR H 98 15.06 -19.20 -15.81
CA THR H 98 16.51 -19.03 -15.59
C THR H 98 17.17 -18.90 -16.96
N ILE H 99 18.43 -18.47 -17.00
CA ILE H 99 19.17 -18.37 -18.28
C ILE H 99 19.19 -19.74 -18.96
N SER H 100 19.40 -20.81 -18.19
CA SER H 100 19.43 -22.20 -18.69
C SER H 100 18.14 -22.48 -19.48
N LYS H 101 17.00 -22.13 -18.90
CA LYS H 101 15.65 -22.38 -19.48
C LYS H 101 15.47 -21.47 -20.70
N VAL H 102 15.94 -20.23 -20.65
CA VAL H 102 15.79 -19.28 -21.80
C VAL H 102 16.60 -19.83 -22.98
N LEU H 103 17.82 -20.28 -22.73
CA LEU H 103 18.70 -20.81 -23.80
C LEU H 103 18.10 -22.08 -24.39
N LEU H 104 17.55 -22.95 -23.55
CA LEU H 104 16.89 -24.19 -24.02
C LEU H 104 15.65 -23.80 -24.81
N SER H 105 14.92 -22.77 -24.36
CA SER H 105 13.74 -22.24 -25.08
C SER H 105 14.16 -21.76 -26.48
N ILE H 106 15.25 -21.01 -26.55
CA ILE H 106 15.76 -20.49 -27.85
C ILE H 106 16.19 -21.68 -28.72
N CYS H 107 16.88 -22.65 -28.13
CA CYS H 107 17.27 -23.87 -28.87
C CYS H 107 16.04 -24.53 -29.52
N SER H 108 14.94 -24.62 -28.77
CA SER H 108 13.66 -25.25 -29.20
C SER H 108 12.99 -24.39 -30.27
N LEU H 109 13.29 -23.10 -30.32
CA LEU H 109 12.73 -22.20 -31.36
C LEU H 109 13.39 -22.50 -32.71
N LEU H 110 14.64 -22.96 -32.71
CA LEU H 110 15.40 -23.15 -33.96
C LEU H 110 14.63 -24.06 -34.91
N CYS H 111 14.05 -25.16 -34.43
CA CYS H 111 13.27 -26.12 -35.26
C CYS H 111 11.77 -25.89 -35.14
N ASP H 112 11.32 -24.79 -34.50
CA ASP H 112 9.88 -24.49 -34.34
C ASP H 112 9.63 -23.02 -34.66
N PRO H 113 9.99 -22.55 -35.87
CA PRO H 113 9.87 -21.14 -36.20
C PRO H 113 8.40 -20.73 -36.38
N ASN H 114 8.16 -19.42 -36.31
CA ASN H 114 6.83 -18.84 -36.60
C ASN H 114 6.98 -17.99 -37.86
N PRO H 115 6.72 -18.57 -39.05
CA PRO H 115 6.80 -17.83 -40.29
C PRO H 115 5.61 -16.88 -40.56
N ASP H 116 4.54 -16.98 -39.78
CA ASP H 116 3.27 -16.21 -40.01
C ASP H 116 3.36 -14.83 -39.37
N ASP H 117 4.20 -14.69 -38.34
CA ASP H 117 4.50 -13.40 -37.67
C ASP H 117 6.03 -13.26 -37.59
N PRO H 118 6.74 -13.07 -38.72
CA PRO H 118 8.19 -13.23 -38.73
C PRO H 118 8.97 -11.94 -38.39
N LEU H 119 10.22 -12.09 -37.97
CA LEU H 119 11.19 -10.98 -37.80
C LEU H 119 11.83 -10.71 -39.17
N VAL H 120 12.00 -11.75 -40.00
CA VAL H 120 12.70 -11.66 -41.31
C VAL H 120 11.73 -12.18 -42.36
N PRO H 121 10.87 -11.31 -42.92
CA PRO H 121 9.82 -11.73 -43.86
C PRO H 121 10.32 -12.56 -45.05
N GLU H 122 11.52 -12.26 -45.56
CA GLU H 122 12.09 -12.95 -46.74
C GLU H 122 12.34 -14.43 -46.39
N ILE H 123 12.94 -14.70 -45.23
CA ILE H 123 13.26 -16.09 -44.77
C ILE H 123 11.95 -16.83 -44.52
N ALA H 124 10.95 -16.17 -43.92
CA ALA H 124 9.63 -16.74 -43.63
C ALA H 124 8.95 -17.22 -44.93
N ARG H 125 8.99 -16.38 -45.99
CA ARG H 125 8.40 -16.68 -47.32
C ARG H 125 9.02 -17.98 -47.87
N ILE H 126 10.36 -18.12 -47.80
CA ILE H 126 11.11 -19.31 -48.28
C ILE H 126 10.71 -20.52 -47.44
N TYR H 127 10.63 -20.36 -46.11
CA TYR H 127 10.23 -21.44 -45.18
C TYR H 127 8.84 -21.97 -45.57
N LYS H 128 7.91 -21.07 -45.88
CA LYS H 128 6.48 -21.40 -46.16
C LYS H 128 6.34 -22.06 -47.54
N THR H 129 7.12 -21.65 -48.54
CA THR H 129 6.90 -22.02 -49.97
C THR H 129 7.89 -23.10 -50.43
N ASP H 130 9.13 -23.11 -49.93
CA ASP H 130 10.19 -24.06 -50.39
C ASP H 130 11.07 -24.52 -49.24
N ARG H 131 10.56 -25.43 -48.41
CA ARG H 131 11.26 -25.95 -47.20
C ARG H 131 12.64 -26.50 -47.56
N GLU H 132 12.76 -27.21 -48.68
CA GLU H 132 14.04 -27.84 -49.11
C GLU H 132 15.12 -26.76 -49.30
N LYS H 133 14.74 -25.62 -49.89
CA LYS H 133 15.63 -24.46 -50.08
C LYS H 133 15.97 -23.84 -48.71
N TYR H 134 14.95 -23.59 -47.88
CA TYR H 134 15.11 -23.11 -46.49
C TYR H 134 16.16 -23.95 -45.76
N ASN H 135 16.00 -25.28 -45.76
CA ASN H 135 16.91 -26.22 -45.05
C ASN H 135 18.33 -26.14 -45.63
N ARG H 136 18.45 -26.00 -46.95
CA ARG H 136 19.78 -25.96 -47.61
C ARG H 136 20.55 -24.70 -47.15
N ILE H 137 19.90 -23.54 -47.21
CA ILE H 137 20.52 -22.24 -46.81
C ILE H 137 20.85 -22.30 -45.31
N ALA H 138 19.90 -22.72 -44.47
CA ALA H 138 20.13 -22.83 -43.01
C ALA H 138 21.36 -23.70 -42.76
N ARG H 139 21.49 -24.80 -43.49
CA ARG H 139 22.66 -25.72 -43.40
C ARG H 139 23.92 -25.00 -43.90
N GLU H 140 23.81 -24.26 -45.02
CA GLU H 140 24.95 -23.47 -45.59
C GLU H 140 25.43 -22.47 -44.53
N TRP H 141 24.50 -21.71 -43.93
CA TRP H 141 24.86 -20.68 -42.90
C TRP H 141 25.49 -21.38 -41.69
N THR H 142 24.94 -22.51 -41.25
CA THR H 142 25.52 -23.26 -40.11
C THR H 142 26.97 -23.62 -40.41
N GLN H 143 27.22 -24.15 -41.61
CA GLN H 143 28.58 -24.59 -42.06
C GLN H 143 29.51 -23.37 -42.03
N LYS H 144 29.06 -22.26 -42.63
CA LYS H 144 29.85 -21.02 -42.82
C LYS H 144 30.15 -20.34 -41.48
N TYR H 145 29.15 -20.16 -40.59
CA TYR H 145 29.27 -19.25 -39.41
C TYR H 145 29.36 -19.98 -38.08
N ALA H 146 28.77 -21.19 -37.97
CA ALA H 146 28.60 -21.89 -36.68
C ALA H 146 29.52 -23.12 -36.57
N MET H 147 30.43 -23.30 -37.53
CA MET H 147 31.49 -24.35 -37.49
C MET H 147 32.85 -23.71 -37.79
N SER I 5 5.93 -50.26 -17.99
CA SER I 5 5.93 -49.07 -17.08
C SER I 5 7.38 -48.71 -16.70
N MET I 6 7.74 -47.42 -16.80
CA MET I 6 9.09 -46.91 -16.49
C MET I 6 9.00 -45.54 -15.81
N GLN I 7 10.11 -45.10 -15.23
CA GLN I 7 10.25 -43.78 -14.60
C GLN I 7 10.98 -42.86 -15.57
N ILE I 8 10.47 -41.64 -15.73
CA ILE I 8 11.24 -40.54 -16.38
C ILE I 8 11.27 -39.37 -15.39
N PHE I 9 12.22 -38.47 -15.62
CA PHE I 9 12.39 -37.23 -14.84
C PHE I 9 11.95 -36.04 -15.70
N VAL I 10 11.35 -35.08 -15.05
CA VAL I 10 11.03 -33.76 -15.64
C VAL I 10 11.69 -32.70 -14.76
N LYS I 11 12.51 -31.86 -15.37
CA LYS I 11 13.08 -30.69 -14.67
C LYS I 11 12.05 -29.55 -14.87
N THR I 12 11.37 -29.18 -13.80
CA THR I 12 10.24 -28.20 -13.83
C THR I 12 10.80 -26.80 -14.02
N LEU I 13 9.93 -25.83 -14.22
CA LEU I 13 10.34 -24.46 -14.57
C LEU I 13 11.32 -23.93 -13.50
N THR I 14 11.09 -24.22 -12.23
CA THR I 14 11.91 -23.69 -11.12
C THR I 14 13.16 -24.55 -10.90
N GLY I 15 13.34 -25.64 -11.65
CA GLY I 15 14.54 -26.50 -11.56
C GLY I 15 14.35 -27.68 -10.63
N LYS I 16 13.20 -27.80 -9.95
CA LYS I 16 12.83 -29.00 -9.17
C LYS I 16 12.73 -30.18 -10.15
N THR I 17 13.28 -31.33 -9.79
CA THR I 17 13.18 -32.57 -10.60
C THR I 17 12.03 -33.40 -10.06
N ILE I 18 11.06 -33.74 -10.92
CA ILE I 18 9.94 -34.64 -10.52
C ILE I 18 10.11 -35.96 -11.27
N THR I 19 9.58 -37.02 -10.67
CA THR I 19 9.54 -38.38 -11.26
C THR I 19 8.13 -38.67 -11.75
N LEU I 20 8.02 -39.12 -12.99
CA LEU I 20 6.74 -39.56 -13.58
C LEU I 20 6.80 -41.07 -13.88
N GLU I 21 5.67 -41.73 -13.68
CA GLU I 21 5.44 -43.15 -14.05
C GLU I 21 4.75 -43.13 -15.42
N VAL I 22 5.43 -43.61 -16.45
CA VAL I 22 4.98 -43.53 -17.86
C VAL I 22 5.22 -44.88 -18.54
N GLU I 23 4.66 -45.03 -19.73
CA GLU I 23 4.87 -46.15 -20.67
C GLU I 23 5.45 -45.54 -21.93
N PRO I 24 6.29 -46.27 -22.70
CA PRO I 24 6.80 -45.77 -23.97
C PRO I 24 5.68 -45.34 -24.92
N SER I 25 4.50 -45.94 -24.79
CA SER I 25 3.34 -45.63 -25.69
C SER I 25 2.56 -44.40 -25.20
N ASP I 26 2.92 -43.80 -24.06
CA ASP I 26 2.27 -42.56 -23.56
C ASP I 26 2.56 -41.42 -24.54
N THR I 27 1.56 -40.62 -24.83
CA THR I 27 1.74 -39.39 -25.62
C THR I 27 2.36 -38.30 -24.74
N ILE I 28 2.98 -37.35 -25.39
CA ILE I 28 3.48 -36.11 -24.75
C ILE I 28 2.28 -35.47 -24.03
N GLU I 29 1.10 -35.46 -24.66
CA GLU I 29 -0.14 -34.90 -24.03
C GLU I 29 -0.40 -35.58 -22.69
N ASN I 30 -0.24 -36.90 -22.60
CA ASN I 30 -0.43 -37.65 -21.34
C ASN I 30 0.62 -37.24 -20.31
N VAL I 31 1.87 -37.07 -20.73
CA VAL I 31 2.94 -36.58 -19.83
C VAL I 31 2.54 -35.19 -19.30
N LYS I 32 2.05 -34.28 -20.16
CA LYS I 32 1.64 -32.92 -19.71
C LYS I 32 0.48 -33.04 -18.70
N ALA I 33 -0.43 -33.99 -18.87
CA ALA I 33 -1.57 -34.21 -17.94
C ALA I 33 -1.01 -34.67 -16.60
N LYS I 34 0.06 -35.49 -16.59
CA LYS I 34 0.68 -35.94 -15.31
C LYS I 34 1.40 -34.78 -14.63
N ILE I 35 2.07 -33.93 -15.41
CA ILE I 35 2.72 -32.72 -14.83
C ILE I 35 1.63 -31.82 -14.24
N GLN I 36 0.52 -31.65 -14.94
CA GLN I 36 -0.59 -30.81 -14.44
C GLN I 36 -1.09 -31.32 -13.09
N ASP I 37 -1.22 -32.65 -12.94
CA ASP I 37 -1.70 -33.27 -11.68
C ASP I 37 -0.67 -33.03 -10.59
N LYS I 38 0.62 -33.07 -10.90
CA LYS I 38 1.67 -32.91 -9.88
C LYS I 38 1.94 -31.42 -9.59
N GLU I 39 1.85 -30.53 -10.58
CA GLU I 39 2.43 -29.16 -10.47
C GLU I 39 1.37 -28.07 -10.69
N GLY I 40 0.19 -28.41 -11.19
CA GLY I 40 -0.92 -27.47 -11.40
C GLY I 40 -0.62 -26.52 -12.54
N ILE I 41 0.18 -26.95 -13.51
CA ILE I 41 0.49 -26.18 -14.75
C ILE I 41 -0.44 -26.68 -15.85
N PRO I 42 -1.32 -25.83 -16.41
CA PRO I 42 -2.14 -26.26 -17.54
C PRO I 42 -1.26 -26.75 -18.68
N PRO I 43 -1.65 -27.85 -19.38
CA PRO I 43 -0.87 -28.36 -20.51
C PRO I 43 -0.56 -27.30 -21.59
N ASP I 44 -1.47 -26.36 -21.85
CA ASP I 44 -1.24 -25.29 -22.86
C ASP I 44 -0.08 -24.38 -22.45
N GLN I 45 0.32 -24.33 -21.19
CA GLN I 45 1.48 -23.49 -20.75
C GLN I 45 2.76 -24.34 -20.67
N GLN I 46 2.66 -25.65 -20.93
CA GLN I 46 3.82 -26.54 -20.84
C GLN I 46 4.47 -26.71 -22.21
N ARG I 47 5.77 -26.50 -22.25
CA ARG I 47 6.58 -26.83 -23.43
C ARG I 47 7.69 -27.80 -22.97
N LEU I 48 7.60 -29.05 -23.41
CA LEU I 48 8.60 -30.07 -23.02
C LEU I 48 9.67 -30.16 -24.09
N ILE I 49 10.92 -30.22 -23.64
CA ILE I 49 12.11 -30.23 -24.53
C ILE I 49 12.95 -31.47 -24.18
N PHE I 50 13.41 -32.12 -25.23
CA PHE I 50 14.36 -33.24 -25.14
C PHE I 50 15.29 -33.15 -26.36
N ALA I 51 16.59 -33.27 -26.11
CA ALA I 51 17.66 -33.14 -27.13
C ALA I 51 17.47 -31.83 -27.89
N GLY I 52 17.11 -30.76 -27.19
CA GLY I 52 17.07 -29.41 -27.76
C GLY I 52 15.86 -29.13 -28.60
N LYS I 53 14.90 -30.06 -28.67
CA LYS I 53 13.69 -29.89 -29.50
C LYS I 53 12.44 -30.00 -28.61
N GLN I 54 11.42 -29.26 -29.01
CA GLN I 54 10.09 -29.31 -28.37
C GLN I 54 9.45 -30.66 -28.74
N LEU I 55 8.73 -31.22 -27.80
CA LEU I 55 8.00 -32.50 -27.97
C LEU I 55 6.54 -32.18 -28.31
N GLU I 56 6.04 -32.76 -29.39
CA GLU I 56 4.67 -32.50 -29.90
C GLU I 56 3.69 -33.42 -29.20
N ASP I 57 2.54 -32.87 -28.85
CA ASP I 57 1.51 -33.48 -27.97
C ASP I 57 1.08 -34.86 -28.48
N GLY I 58 0.89 -35.01 -29.78
CA GLY I 58 0.29 -36.23 -30.38
C GLY I 58 1.30 -37.36 -30.54
N ARG I 59 2.60 -37.11 -30.32
CA ARG I 59 3.65 -38.15 -30.48
C ARG I 59 3.87 -38.85 -29.15
N THR I 60 4.46 -40.04 -29.19
CA THR I 60 4.71 -40.88 -27.99
C THR I 60 6.15 -40.71 -27.52
N LEU I 61 6.41 -41.14 -26.30
CA LEU I 61 7.79 -41.16 -25.76
C LEU I 61 8.68 -42.02 -26.67
N SER I 62 8.19 -43.18 -27.12
CA SER I 62 8.94 -44.09 -28.02
C SER I 62 9.24 -43.38 -29.36
N ASP I 63 8.32 -42.58 -29.89
CA ASP I 63 8.54 -41.77 -31.13
C ASP I 63 9.79 -40.91 -31.02
N TYR I 64 10.08 -40.41 -29.82
CA TYR I 64 11.22 -39.50 -29.55
C TYR I 64 12.41 -40.28 -28.97
N ASN I 65 12.29 -41.60 -28.91
CA ASN I 65 13.34 -42.50 -28.39
C ASN I 65 13.66 -42.09 -26.96
N ILE I 66 12.64 -41.69 -26.20
CA ILE I 66 12.77 -41.37 -24.75
C ILE I 66 12.69 -42.68 -23.98
N GLN I 67 13.79 -43.07 -23.35
CA GLN I 67 13.92 -44.36 -22.64
C GLN I 67 13.85 -44.11 -21.14
N LYS I 68 13.90 -45.20 -20.37
CA LYS I 68 13.85 -45.22 -18.88
C LYS I 68 14.87 -44.21 -18.31
N GLU I 69 14.46 -43.45 -17.30
CA GLU I 69 15.28 -42.46 -16.54
C GLU I 69 15.81 -41.35 -17.44
N SER I 70 15.24 -41.14 -18.64
CA SER I 70 15.48 -39.92 -19.44
C SER I 70 14.99 -38.69 -18.64
N THR I 71 15.57 -37.52 -18.91
CA THR I 71 15.13 -36.25 -18.27
C THR I 71 14.52 -35.35 -19.35
N LEU I 72 13.27 -34.96 -19.16
CA LEU I 72 12.64 -33.98 -20.04
C LEU I 72 12.78 -32.62 -19.34
N HIS I 73 12.82 -31.56 -20.14
CA HIS I 73 13.00 -30.18 -19.63
C HIS I 73 11.71 -29.44 -19.86
N LEU I 74 11.11 -28.97 -18.80
CA LEU I 74 9.87 -28.18 -18.90
C LEU I 74 10.25 -26.70 -18.96
N VAL I 75 9.78 -26.03 -19.99
CA VAL I 75 9.86 -24.56 -20.08
C VAL I 75 8.44 -24.05 -20.30
N LEU I 76 8.32 -22.75 -20.49
CA LEU I 76 7.00 -22.14 -20.71
C LEU I 76 6.67 -22.14 -22.20
N ARG I 77 5.38 -22.22 -22.47
CA ARG I 77 4.81 -22.01 -23.81
C ARG I 77 5.44 -20.75 -24.38
N LEU I 78 5.91 -20.83 -25.61
CA LEU I 78 6.56 -19.68 -26.26
C LEU I 78 6.06 -19.64 -27.68
N ARG I 79 6.27 -18.49 -28.31
CA ARG I 79 5.90 -18.26 -29.72
C ARG I 79 6.96 -17.33 -30.29
N GLY I 80 7.61 -17.76 -31.37
CA GLY I 80 8.45 -16.87 -32.19
C GLY I 80 7.59 -15.76 -32.75
N GLY I 81 8.20 -14.61 -33.03
CA GLY I 81 7.51 -13.50 -33.70
C GLY I 81 8.51 -12.60 -34.40
N VAL J 15 8.82 -32.38 5.20
CA VAL J 15 7.39 -31.98 5.08
C VAL J 15 6.51 -33.11 5.64
N GLU J 16 5.98 -32.91 6.84
CA GLU J 16 5.03 -33.87 7.48
C GLU J 16 3.71 -33.85 6.73
N PRO J 17 2.89 -34.91 6.84
CA PRO J 17 1.57 -34.92 6.20
C PRO J 17 0.55 -34.04 6.95
N CYS J 18 -0.61 -33.84 6.33
CA CYS J 18 -1.79 -33.20 6.93
C CYS J 18 -1.93 -33.59 8.41
N VAL J 19 -2.08 -32.62 9.31
CA VAL J 19 -2.14 -32.94 10.77
C VAL J 19 -3.47 -33.62 11.13
N ILE J 20 -4.45 -33.57 10.24
CA ILE J 20 -5.80 -34.15 10.49
C ILE J 20 -5.83 -35.62 10.08
N CYS J 21 -5.59 -35.94 8.81
CA CYS J 21 -5.72 -37.33 8.27
C CYS J 21 -4.36 -38.07 8.29
N GLN J 22 -3.25 -37.36 8.38
CA GLN J 22 -1.87 -37.94 8.44
C GLN J 22 -1.56 -38.76 7.17
N THR J 23 -2.30 -38.57 6.07
CA THR J 23 -2.14 -39.40 4.84
C THR J 23 -1.76 -38.50 3.66
N ARG J 24 -2.48 -37.41 3.45
CA ARG J 24 -2.28 -36.51 2.29
C ARG J 24 -1.32 -35.41 2.70
N PRO J 25 -0.65 -34.78 1.71
CA PRO J 25 0.30 -33.71 2.02
C PRO J 25 -0.44 -32.44 2.51
N LYS J 26 0.32 -31.52 3.10
CA LYS J 26 -0.19 -30.20 3.51
C LYS J 26 -0.29 -29.34 2.27
N ASN J 27 -1.40 -29.44 1.55
CA ASN J 27 -1.57 -28.71 0.27
C ASN J 27 -2.88 -27.91 0.31
N GLY J 28 -3.55 -27.85 1.48
CA GLY J 28 -4.84 -27.15 1.62
C GLY J 28 -4.68 -25.87 2.40
N CYS J 29 -4.30 -24.78 1.72
CA CYS J 29 -4.05 -23.50 2.41
C CYS J 29 -5.37 -22.89 2.89
N ILE J 30 -5.49 -22.66 4.18
CA ILE J 30 -6.71 -22.04 4.77
C ILE J 30 -6.53 -20.53 4.71
N VAL J 31 -7.30 -19.88 3.84
CA VAL J 31 -7.09 -18.44 3.56
C VAL J 31 -8.18 -17.66 4.32
N HIS J 32 -7.73 -16.62 5.00
CA HIS J 32 -8.61 -15.66 5.72
C HIS J 32 -7.99 -14.27 5.55
N GLY J 33 -8.64 -13.43 4.75
CA GLY J 33 -8.06 -12.14 4.35
C GLY J 33 -6.83 -12.37 3.52
N ARG J 34 -5.69 -11.83 3.93
CA ARG J 34 -4.45 -11.86 3.12
C ARG J 34 -3.48 -12.81 3.81
N THR J 35 -3.93 -13.61 4.75
CA THR J 35 -3.04 -14.62 5.40
C THR J 35 -3.64 -16.02 5.20
N GLY J 36 -2.79 -17.01 5.36
CA GLY J 36 -3.13 -18.42 5.13
C GLY J 36 -2.40 -19.26 6.15
N HIS J 37 -3.06 -20.27 6.68
CA HIS J 37 -2.42 -21.31 7.50
C HIS J 37 -2.43 -22.62 6.71
N LEU J 38 -1.26 -23.16 6.45
CA LEU J 38 -1.11 -24.42 5.69
C LEU J 38 -0.63 -25.52 6.66
N MET J 39 -1.56 -26.35 7.10
CA MET J 39 -1.24 -27.46 8.04
C MET J 39 -2.07 -28.69 7.69
N ALA J 40 -3.01 -28.57 6.75
CA ALA J 40 -3.95 -29.65 6.40
C ALA J 40 -3.92 -29.84 4.89
N CYS J 41 -4.41 -31.00 4.45
CA CYS J 41 -4.63 -31.27 3.02
C CYS J 41 -5.87 -30.52 2.56
N TYR J 42 -5.99 -30.41 1.25
CA TYR J 42 -7.15 -29.78 0.59
C TYR J 42 -8.46 -30.44 1.06
N THR J 43 -8.50 -31.76 1.09
CA THR J 43 -9.72 -32.52 1.47
C THR J 43 -10.13 -32.15 2.90
N CYS J 44 -9.22 -32.24 3.86
CA CYS J 44 -9.53 -31.99 5.28
C CYS J 44 -9.87 -30.51 5.48
N ALA J 45 -9.15 -29.58 4.84
CA ALA J 45 -9.42 -28.13 4.98
C ALA J 45 -10.83 -27.83 4.43
N LYS J 46 -11.18 -28.43 3.30
CA LYS J 46 -12.51 -28.21 2.67
C LYS J 46 -13.62 -28.70 3.59
N LYS J 47 -13.41 -29.84 4.25
CA LYS J 47 -14.38 -30.37 5.25
C LYS J 47 -14.63 -29.30 6.32
N LEU J 48 -13.56 -28.66 6.83
CA LEU J 48 -13.72 -27.59 7.84
C LEU J 48 -14.55 -26.45 7.28
N LYS J 49 -14.23 -25.99 6.08
CA LYS J 49 -14.94 -24.86 5.46
C LYS J 49 -16.42 -25.26 5.30
N LYS J 50 -16.68 -26.45 4.76
CA LYS J 50 -18.03 -26.94 4.46
C LYS J 50 -18.85 -27.01 5.76
N ARG J 51 -18.21 -27.32 6.89
CA ARG J 51 -18.88 -27.42 8.22
C ARG J 51 -18.92 -26.06 8.92
N ASN J 52 -18.55 -24.98 8.24
CA ASN J 52 -18.58 -23.60 8.79
C ASN J 52 -17.65 -23.50 10.00
N LYS J 53 -16.54 -24.24 10.02
CA LYS J 53 -15.58 -24.17 11.13
C LYS J 53 -14.54 -23.10 10.80
N PRO J 54 -13.94 -22.47 11.83
CA PRO J 54 -12.91 -21.48 11.59
C PRO J 54 -11.56 -22.18 11.36
N CYS J 55 -10.55 -21.37 11.09
CA CYS J 55 -9.17 -21.85 10.98
C CYS J 55 -8.80 -22.56 12.28
N PRO J 56 -8.24 -23.79 12.23
CA PRO J 56 -7.84 -24.50 13.45
C PRO J 56 -6.73 -23.85 14.26
N VAL J 57 -5.89 -23.01 13.66
CA VAL J 57 -4.75 -22.46 14.45
C VAL J 57 -5.04 -21.02 14.89
N CYS J 58 -5.88 -20.23 14.20
CA CYS J 58 -6.08 -18.81 14.61
C CYS J 58 -7.56 -18.47 14.82
N ARG J 59 -8.48 -19.38 14.52
CA ARG J 59 -9.95 -19.25 14.65
C ARG J 59 -10.56 -18.15 13.77
N GLU J 60 -9.87 -17.65 12.77
CA GLU J 60 -10.52 -16.72 11.79
C GLU J 60 -11.46 -17.52 10.90
N PRO J 61 -12.65 -16.95 10.53
CA PRO J 61 -13.50 -17.59 9.55
C PRO J 61 -12.76 -17.77 8.21
N ILE J 62 -13.07 -18.86 7.54
CA ILE J 62 -12.29 -19.30 6.35
C ILE J 62 -12.94 -18.65 5.14
N GLN J 63 -12.19 -17.86 4.39
CA GLN J 63 -12.68 -17.31 3.11
C GLN J 63 -12.55 -18.33 1.99
N MET J 64 -11.47 -19.08 1.93
CA MET J 64 -11.24 -20.00 0.79
C MET J 64 -10.24 -21.06 1.23
N ILE J 65 -10.34 -22.23 0.63
CA ILE J 65 -9.24 -23.24 0.68
C ILE J 65 -8.55 -23.19 -0.67
N VAL J 66 -7.24 -23.03 -0.65
CA VAL J 66 -6.47 -22.96 -1.92
C VAL J 66 -5.61 -24.24 -2.01
N LEU J 67 -5.77 -24.96 -3.09
CA LEU J 67 -4.89 -26.12 -3.37
C LEU J 67 -3.52 -25.55 -3.75
N THR J 68 -2.55 -25.77 -2.90
CA THR J 68 -1.23 -25.10 -2.96
C THR J 68 -0.20 -26.08 -3.53
N TYR J 69 0.49 -25.65 -4.57
CA TYR J 69 1.59 -26.41 -5.19
C TYR J 69 2.92 -25.73 -4.85
N PHE J 70 3.89 -26.50 -4.38
CA PHE J 70 5.24 -25.98 -4.05
C PHE J 70 6.12 -26.10 -5.29
N SER J 71 6.02 -25.12 -6.18
CA SER J 71 6.83 -25.07 -7.42
C SER J 71 8.32 -25.09 -7.06
N ALA K 2 -9.72 -41.38 12.05
CA ALA K 2 -9.24 -40.99 13.41
C ALA K 2 -8.02 -41.81 13.80
N LEU K 3 -7.92 -43.07 13.38
CA LEU K 3 -6.93 -44.02 13.94
C LEU K 3 -5.52 -43.55 13.61
N LYS K 4 -5.26 -43.07 12.40
CA LYS K 4 -3.89 -42.64 12.02
C LYS K 4 -3.49 -41.42 12.85
N ARG K 5 -4.42 -40.52 13.11
CA ARG K 5 -4.16 -39.28 13.89
C ARG K 5 -3.86 -39.71 15.34
N ILE K 6 -4.67 -40.63 15.88
CA ILE K 6 -4.50 -41.11 17.28
C ILE K 6 -3.13 -41.80 17.40
N HIS K 7 -2.73 -42.62 16.43
CA HIS K 7 -1.41 -43.32 16.47
C HIS K 7 -0.28 -42.31 16.42
N LYS K 8 -0.41 -41.29 15.55
CA LYS K 8 0.60 -40.21 15.45
C LYS K 8 0.76 -39.54 16.82
N GLU K 9 -0.34 -39.22 17.49
CA GLU K 9 -0.30 -38.54 18.81
C GLU K 9 0.43 -39.46 19.80
N LEU K 10 0.10 -40.75 19.78
CA LEU K 10 0.71 -41.74 20.71
C LEU K 10 2.22 -41.80 20.43
N ASN K 11 2.62 -41.90 19.16
CA ASN K 11 4.06 -41.96 18.77
C ASN K 11 4.78 -40.69 19.24
N ASP K 12 4.13 -39.52 19.14
CA ASP K 12 4.73 -38.22 19.55
C ASP K 12 4.92 -38.20 21.08
N LEU K 13 3.94 -38.72 21.82
CA LEU K 13 4.00 -38.81 23.30
C LEU K 13 5.16 -39.72 23.73
N ALA K 14 5.34 -40.85 23.03
CA ALA K 14 6.45 -41.81 23.27
C ALA K 14 7.79 -41.13 23.02
N ARG K 15 7.89 -40.36 21.92
CA ARG K 15 9.13 -39.70 21.46
C ARG K 15 9.50 -38.54 22.39
N ASP K 16 8.52 -37.77 22.89
CA ASP K 16 8.74 -36.56 23.72
C ASP K 16 7.80 -36.56 24.91
N PRO K 17 8.02 -37.40 25.95
CA PRO K 17 7.06 -37.51 27.05
C PRO K 17 6.84 -36.17 27.75
N PRO K 18 5.60 -35.63 27.77
CA PRO K 18 5.36 -34.36 28.46
C PRO K 18 5.85 -34.39 29.92
N ALA K 19 6.30 -33.24 30.41
CA ALA K 19 6.62 -33.00 31.85
C ALA K 19 5.35 -33.10 32.70
N GLN K 20 4.29 -32.38 32.31
CA GLN K 20 3.10 -32.14 33.17
C GLN K 20 2.17 -33.35 33.14
N CYS K 21 1.98 -33.97 31.97
CA CYS K 21 0.89 -34.95 31.75
C CYS K 21 1.41 -36.18 31.02
N ARG K 22 0.70 -37.28 31.19
CA ARG K 22 0.95 -38.57 30.51
C ARG K 22 -0.40 -39.07 30.02
N ALA K 23 -0.42 -39.78 28.90
CA ALA K 23 -1.65 -40.36 28.35
C ALA K 23 -1.29 -41.52 27.44
N GLY K 24 -2.16 -42.52 27.43
CA GLY K 24 -2.03 -43.66 26.52
C GLY K 24 -3.30 -44.47 26.56
N PRO K 25 -3.45 -45.40 25.60
CA PRO K 25 -4.63 -46.26 25.53
C PRO K 25 -4.81 -47.10 26.80
N VAL K 26 -6.07 -47.34 27.18
CA VAL K 26 -6.38 -48.10 28.44
C VAL K 26 -5.90 -49.55 28.27
N GLY K 27 -6.30 -50.20 27.17
CA GLY K 27 -5.89 -51.56 26.80
C GLY K 27 -5.66 -51.65 25.31
N ASP K 28 -6.51 -52.41 24.61
CA ASP K 28 -6.40 -52.65 23.14
C ASP K 28 -7.31 -51.66 22.37
N ASP K 29 -8.09 -50.87 23.09
CA ASP K 29 -9.04 -49.89 22.52
C ASP K 29 -8.31 -48.56 22.35
N MET K 30 -7.85 -48.27 21.14
CA MET K 30 -7.12 -47.03 20.78
C MET K 30 -7.98 -45.77 21.01
N PHE K 31 -9.30 -45.91 21.08
CA PHE K 31 -10.26 -44.78 21.23
C PHE K 31 -10.58 -44.47 22.71
N HIS K 32 -9.98 -45.21 23.66
CA HIS K 32 -10.18 -45.01 25.12
C HIS K 32 -8.81 -44.87 25.78
N TRP K 33 -8.51 -43.66 26.21
CA TRP K 33 -7.19 -43.36 26.84
C TRP K 33 -7.39 -43.05 28.31
N GLN K 34 -6.29 -43.24 29.02
CA GLN K 34 -6.11 -42.85 30.43
C GLN K 34 -5.07 -41.76 30.40
N ALA K 35 -5.27 -40.75 31.21
CA ALA K 35 -4.29 -39.65 31.32
C ALA K 35 -4.03 -39.36 32.79
N THR K 36 -2.85 -38.83 33.07
CA THR K 36 -2.49 -38.24 34.37
C THR K 36 -2.05 -36.80 34.15
N ILE K 37 -2.48 -35.92 35.03
CA ILE K 37 -1.97 -34.51 35.14
C ILE K 37 -1.34 -34.35 36.52
N MET K 38 -0.14 -33.79 36.59
CA MET K 38 0.46 -33.31 37.87
C MET K 38 -0.18 -31.97 38.23
N GLY K 39 -0.66 -31.84 39.45
CA GLY K 39 -1.11 -30.53 39.98
C GLY K 39 -0.01 -29.50 39.78
N PRO K 40 -0.31 -28.27 39.31
CA PRO K 40 0.73 -27.24 39.19
C PRO K 40 1.33 -26.87 40.57
N ASN K 41 2.65 -26.64 40.57
CA ASN K 41 3.49 -26.37 41.77
C ASN K 41 2.93 -25.33 42.76
N ASP K 42 2.57 -24.13 42.34
CA ASP K 42 2.34 -22.98 43.27
C ASP K 42 0.83 -22.80 43.45
N SER K 43 0.14 -23.87 43.85
CA SER K 43 -1.34 -23.95 43.78
C SER K 43 -1.86 -24.88 44.86
N PRO K 44 -3.16 -24.83 45.18
CA PRO K 44 -3.78 -25.77 46.10
C PRO K 44 -3.69 -27.24 45.64
N TYR K 45 -3.34 -27.49 44.38
CA TYR K 45 -3.30 -28.84 43.74
C TYR K 45 -1.89 -29.40 43.73
N GLN K 46 -0.92 -28.65 44.25
CA GLN K 46 0.51 -29.05 44.20
C GLN K 46 0.67 -30.45 44.84
N GLY K 47 1.53 -31.28 44.24
CA GLY K 47 1.82 -32.65 44.70
C GLY K 47 0.78 -33.64 44.20
N GLY K 48 -0.39 -33.17 43.77
CA GLY K 48 -1.51 -34.03 43.35
C GLY K 48 -1.23 -34.70 42.03
N VAL K 49 -1.65 -35.96 41.88
CA VAL K 49 -1.70 -36.67 40.57
C VAL K 49 -3.17 -36.97 40.27
N PHE K 50 -3.66 -36.44 39.15
CA PHE K 50 -5.10 -36.49 38.77
C PHE K 50 -5.23 -37.41 37.55
N PHE K 51 -6.10 -38.40 37.66
CA PHE K 51 -6.38 -39.38 36.58
C PHE K 51 -7.56 -38.84 35.77
N LEU K 52 -7.47 -38.98 34.45
CA LEU K 52 -8.57 -38.59 33.54
C LEU K 52 -8.83 -39.74 32.58
N THR K 53 -10.06 -39.80 32.11
CA THR K 53 -10.50 -40.75 31.05
C THR K 53 -10.74 -39.93 29.78
N ILE K 54 -10.24 -40.43 28.66
CA ILE K 54 -10.38 -39.77 27.33
C ILE K 54 -11.06 -40.76 26.37
N HIS K 55 -12.17 -40.33 25.78
CA HIS K 55 -12.92 -41.07 24.75
C HIS K 55 -12.84 -40.25 23.44
N PHE K 56 -12.12 -40.77 22.45
CA PHE K 56 -12.02 -40.16 21.11
C PHE K 56 -13.25 -40.58 20.30
N PRO K 57 -14.00 -39.63 19.70
CA PRO K 57 -15.10 -40.00 18.81
C PRO K 57 -14.52 -40.57 17.52
N THR K 58 -15.35 -41.24 16.72
CA THR K 58 -14.94 -41.90 15.46
C THR K 58 -14.47 -40.83 14.45
N ASP K 59 -14.97 -39.60 14.52
CA ASP K 59 -14.59 -38.49 13.61
C ASP K 59 -13.58 -37.53 14.28
N TYR K 60 -12.89 -37.97 15.33
CA TYR K 60 -11.67 -37.27 15.81
C TYR K 60 -10.68 -37.13 14.64
N PRO K 61 -9.99 -35.99 14.45
CA PRO K 61 -10.08 -34.82 15.32
C PRO K 61 -11.01 -33.69 14.86
N PHE K 62 -11.97 -33.98 13.98
CA PHE K 62 -12.98 -32.94 13.61
C PHE K 62 -13.84 -32.64 14.82
N LYS K 63 -14.09 -33.68 15.63
CA LYS K 63 -14.92 -33.58 16.85
C LYS K 63 -13.99 -33.76 18.02
N PRO K 64 -14.27 -33.08 19.15
CA PRO K 64 -13.36 -33.10 20.29
C PRO K 64 -13.38 -34.43 21.03
N PRO K 65 -12.30 -34.77 21.75
CA PRO K 65 -12.34 -35.91 22.67
C PRO K 65 -13.27 -35.57 23.84
N LYS K 66 -13.90 -36.59 24.42
CA LYS K 66 -14.62 -36.47 25.70
C LYS K 66 -13.58 -36.70 26.80
N VAL K 67 -13.41 -35.71 27.66
CA VAL K 67 -12.34 -35.73 28.69
C VAL K 67 -13.01 -35.48 30.03
N ALA K 68 -12.75 -36.35 31.00
CA ALA K 68 -13.35 -36.28 32.34
C ALA K 68 -12.30 -36.74 33.36
N PHE K 69 -12.33 -36.11 34.54
CA PHE K 69 -11.50 -36.53 35.69
C PHE K 69 -12.11 -37.81 36.26
N THR K 70 -11.27 -38.77 36.62
CA THR K 70 -11.70 -39.90 37.48
C THR K 70 -11.35 -39.52 38.93
N THR K 71 -10.20 -38.88 39.15
CA THR K 71 -9.81 -38.33 40.47
C THR K 71 -10.71 -37.14 40.82
N ARG K 72 -11.31 -37.14 42.01
CA ARG K 72 -12.10 -35.99 42.51
C ARG K 72 -11.18 -34.77 42.64
N ILE K 73 -11.68 -33.61 42.24
CA ILE K 73 -10.90 -32.35 42.29
C ILE K 73 -11.87 -31.24 42.68
N TYR K 74 -11.39 -30.27 43.45
CA TYR K 74 -12.22 -29.16 43.96
C TYR K 74 -12.02 -27.94 43.04
N HIS K 75 -13.04 -27.58 42.27
CA HIS K 75 -12.89 -26.54 41.22
C HIS K 75 -14.25 -26.07 40.76
N PRO K 76 -14.44 -24.77 40.45
CA PRO K 76 -15.73 -24.27 40.01
C PRO K 76 -16.19 -24.76 38.63
N ASN K 77 -15.27 -25.25 37.81
CA ASN K 77 -15.56 -25.63 36.41
C ASN K 77 -15.44 -27.14 36.21
N ILE K 78 -15.26 -27.90 37.30
CA ILE K 78 -15.20 -29.39 37.28
C ILE K 78 -16.15 -29.90 38.36
N ASN K 79 -17.09 -30.77 38.03
CA ASN K 79 -18.12 -31.21 39.00
C ASN K 79 -17.72 -32.58 39.58
N SER K 80 -18.54 -33.11 40.49
CA SER K 80 -18.26 -34.35 41.26
C SER K 80 -18.32 -35.59 40.35
N ASN K 81 -18.87 -35.48 39.14
CA ASN K 81 -18.84 -36.54 38.11
C ASN K 81 -17.53 -36.50 37.31
N GLY K 82 -16.67 -35.49 37.56
CA GLY K 82 -15.39 -35.32 36.86
C GLY K 82 -15.56 -34.60 35.53
N SER K 83 -16.77 -34.08 35.25
CA SER K 83 -17.09 -33.34 34.00
C SER K 83 -16.42 -31.96 34.02
N ILE K 84 -15.81 -31.60 32.90
CA ILE K 84 -15.05 -30.34 32.73
C ILE K 84 -15.86 -29.44 31.82
N LYS K 85 -16.27 -28.27 32.29
CA LYS K 85 -16.97 -27.31 31.41
C LYS K 85 -15.92 -26.31 30.92
N LEU K 86 -15.52 -26.48 29.66
CA LEU K 86 -14.38 -25.80 29.02
C LEU K 86 -14.67 -25.69 27.51
N ASP K 87 -14.64 -24.49 26.94
CA ASP K 87 -15.14 -24.23 25.57
C ASP K 87 -14.34 -25.06 24.53
N ILE K 88 -13.04 -25.30 24.74
CA ILE K 88 -12.21 -26.11 23.78
C ILE K 88 -12.68 -27.56 23.74
N LEU K 89 -13.47 -28.02 24.71
CA LEU K 89 -14.01 -29.40 24.69
C LEU K 89 -15.38 -29.41 24.02
N ARG K 90 -15.89 -28.25 23.58
CA ARG K 90 -17.20 -28.15 22.88
C ARG K 90 -17.04 -27.21 21.67
N SER K 91 -17.59 -26.01 21.77
CA SER K 91 -17.77 -25.07 20.62
CA SER K 91 -17.77 -25.17 20.55
C SER K 91 -16.44 -24.56 20.09
N GLN K 92 -15.42 -24.47 20.94
CA GLN K 92 -14.13 -23.83 20.56
C GLN K 92 -13.04 -24.88 20.35
N TRP K 93 -13.46 -26.12 20.16
CA TRP K 93 -12.52 -27.20 19.78
C TRP K 93 -11.81 -26.81 18.48
N SER K 94 -10.55 -27.15 18.35
CA SER K 94 -9.81 -27.06 17.07
C SER K 94 -9.14 -28.41 16.82
N PRO K 95 -9.24 -28.93 15.58
CA PRO K 95 -8.52 -30.15 15.20
C PRO K 95 -7.01 -30.05 15.29
N ALA K 96 -6.44 -28.87 15.47
CA ALA K 96 -4.98 -28.72 15.67
C ALA K 96 -4.64 -29.04 17.11
N LEU K 97 -5.61 -29.03 18.03
CA LEU K 97 -5.34 -29.42 19.43
C LEU K 97 -5.08 -30.92 19.48
N THR K 98 -4.03 -31.32 20.17
CA THR K 98 -3.69 -32.73 20.46
C THR K 98 -4.04 -33.00 21.92
N ILE K 99 -4.09 -34.27 22.31
CA ILE K 99 -4.42 -34.62 23.71
C ILE K 99 -3.42 -33.93 24.66
N SER K 100 -2.12 -33.90 24.30
CA SER K 100 -1.08 -33.26 25.15
C SER K 100 -1.45 -31.79 25.39
N LYS K 101 -1.87 -31.07 24.34
CA LYS K 101 -2.26 -29.64 24.43
C LYS K 101 -3.54 -29.48 25.24
N VAL K 102 -4.49 -30.40 25.08
CA VAL K 102 -5.77 -30.35 25.84
C VAL K 102 -5.47 -30.55 27.32
N LEU K 103 -4.60 -31.50 27.65
CA LEU K 103 -4.26 -31.81 29.07
C LEU K 103 -3.54 -30.60 29.66
N LEU K 104 -2.63 -29.98 28.91
CA LEU K 104 -1.93 -28.75 29.37
C LEU K 104 -2.95 -27.63 29.53
N SER K 105 -3.92 -27.51 28.64
CA SER K 105 -5.02 -26.53 28.72
C SER K 105 -5.83 -26.75 30.01
N ILE K 106 -6.17 -28.00 30.30
CA ILE K 106 -6.96 -28.35 31.52
C ILE K 106 -6.09 -28.01 32.75
N CYS K 107 -4.81 -28.35 32.70
CA CYS K 107 -3.87 -28.03 33.79
C CYS K 107 -3.91 -26.52 34.08
N SER K 108 -3.89 -25.69 33.03
CA SER K 108 -3.90 -24.21 33.11
C SER K 108 -5.25 -23.70 33.60
N LEU K 109 -6.32 -24.49 33.44
CA LEU K 109 -7.65 -24.12 33.97
C LEU K 109 -7.65 -24.24 35.51
N LEU K 110 -6.83 -25.15 36.06
CA LEU K 110 -6.85 -25.45 37.51
C LEU K 110 -6.61 -24.16 38.30
N CYS K 111 -5.66 -23.33 37.89
CA CYS K 111 -5.32 -22.05 38.58
C CYS K 111 -5.93 -20.84 37.86
N ASP K 112 -6.84 -21.05 36.91
CA ASP K 112 -7.51 -19.95 36.17
C ASP K 112 -9.00 -20.25 36.06
N PRO K 113 -9.69 -20.47 37.20
CA PRO K 113 -11.10 -20.83 37.14
C PRO K 113 -11.98 -19.64 36.69
N ASN K 114 -13.18 -19.95 36.23
CA ASN K 114 -14.19 -18.95 35.84
C ASN K 114 -15.36 -19.10 36.81
N PRO K 115 -15.36 -18.35 37.93
CA PRO K 115 -16.44 -18.43 38.90
C PRO K 115 -17.72 -17.69 38.47
N ASP K 116 -17.66 -16.88 37.41
CA ASP K 116 -18.78 -16.02 36.95
C ASP K 116 -19.75 -16.82 36.08
N ASP K 117 -19.26 -17.88 35.43
CA ASP K 117 -20.08 -18.84 34.63
C ASP K 117 -19.73 -20.25 35.08
N PRO K 118 -20.07 -20.66 36.33
CA PRO K 118 -19.49 -21.88 36.90
C PRO K 118 -20.27 -23.17 36.58
N LEU K 119 -19.61 -24.32 36.68
CA LEU K 119 -20.26 -25.64 36.63
C LEU K 119 -20.80 -25.97 38.04
N VAL K 120 -20.11 -25.50 39.08
CA VAL K 120 -20.45 -25.83 40.50
C VAL K 120 -20.68 -24.52 41.23
N PRO K 121 -21.93 -24.00 41.23
CA PRO K 121 -22.21 -22.69 41.84
C PRO K 121 -21.72 -22.53 43.29
N GLU K 122 -21.80 -23.60 44.11
CA GLU K 122 -21.40 -23.56 45.54
C GLU K 122 -19.91 -23.26 45.65
N ILE K 123 -19.07 -23.93 44.85
CA ILE K 123 -17.58 -23.77 44.88
C ILE K 123 -17.24 -22.36 44.37
N ALA K 124 -17.94 -21.90 43.33
CA ALA K 124 -17.75 -20.55 42.72
C ALA K 124 -17.99 -19.47 43.78
N ARG K 125 -19.08 -19.60 44.56
CA ARG K 125 -19.46 -18.64 45.64
C ARG K 125 -18.30 -18.53 46.65
N ILE K 126 -17.75 -19.67 47.08
CA ILE K 126 -16.62 -19.74 48.05
C ILE K 126 -15.38 -19.10 47.42
N TYR K 127 -15.08 -19.41 46.16
CA TYR K 127 -13.92 -18.85 45.43
C TYR K 127 -14.01 -17.32 45.41
N LYS K 128 -15.20 -16.78 45.15
CA LYS K 128 -15.42 -15.32 44.97
C LYS K 128 -15.36 -14.60 46.32
N THR K 129 -15.84 -15.20 47.41
CA THR K 129 -16.06 -14.52 48.72
C THR K 129 -14.97 -14.84 49.73
N ASP K 130 -14.39 -16.05 49.72
CA ASP K 130 -13.42 -16.51 50.75
C ASP K 130 -12.33 -17.39 50.12
N ARG K 131 -11.39 -16.77 49.42
CA ARG K 131 -10.28 -17.46 48.68
C ARG K 131 -9.50 -18.38 49.62
N GLU K 132 -9.25 -17.93 50.86
CA GLU K 132 -8.45 -18.69 51.87
C GLU K 132 -9.13 -20.03 52.15
N LYS K 133 -10.47 -20.02 52.27
CA LYS K 133 -11.29 -21.24 52.48
C LYS K 133 -11.24 -22.11 51.21
N TYR K 134 -11.48 -21.50 50.04
CA TYR K 134 -11.37 -22.18 48.71
C TYR K 134 -10.04 -22.95 48.65
N ASN K 135 -8.92 -22.26 48.90
CA ASN K 135 -7.56 -22.86 48.82
C ASN K 135 -7.40 -24.01 49.82
N ARG K 136 -7.95 -23.86 51.03
CA ARG K 136 -7.83 -24.88 52.11
C ARG K 136 -8.54 -26.17 51.66
N ILE K 137 -9.79 -26.06 51.21
CA ILE K 137 -10.60 -27.23 50.77
C ILE K 137 -9.92 -27.88 49.55
N ALA K 138 -9.53 -27.08 48.56
CA ALA K 138 -8.84 -27.58 47.34
C ALA K 138 -7.61 -28.38 47.76
N ARG K 139 -6.87 -27.86 48.74
CA ARG K 139 -5.67 -28.54 49.30
C ARG K 139 -6.10 -29.82 50.03
N GLU K 140 -7.19 -29.75 50.81
CA GLU K 140 -7.71 -30.93 51.56
C GLU K 140 -8.08 -32.03 50.55
N TRP K 141 -8.82 -31.68 49.50
CA TRP K 141 -9.25 -32.64 48.46
C TRP K 141 -8.03 -33.22 47.74
N THR K 142 -7.04 -32.40 47.43
CA THR K 142 -5.80 -32.87 46.75
C THR K 142 -5.14 -33.93 47.64
N GLN K 143 -5.00 -33.64 48.94
CA GLN K 143 -4.35 -34.53 49.93
C GLN K 143 -5.12 -35.86 49.97
N LYS K 144 -6.44 -35.77 50.12
CA LYS K 144 -7.33 -36.95 50.30
C LYS K 144 -7.40 -37.82 49.02
N TYR K 145 -7.59 -37.24 47.83
CA TYR K 145 -8.00 -37.99 46.61
C TYR K 145 -6.88 -38.09 45.57
N ALA K 146 -5.94 -37.14 45.54
CA ALA K 146 -4.92 -37.03 44.47
C ALA K 146 -3.52 -37.40 44.99
N MET K 147 -3.40 -37.86 46.24
CA MET K 147 -2.09 -38.26 46.83
C MET K 147 -2.23 -39.62 47.51
N SER L 5 19.81 -10.05 23.32
CA SER L 5 19.43 -10.13 24.77
C SER L 5 19.23 -11.60 25.19
N MET L 6 18.03 -12.18 25.08
CA MET L 6 17.87 -13.64 25.33
C MET L 6 16.94 -14.31 24.31
N GLN L 7 17.15 -15.62 24.16
CA GLN L 7 16.32 -16.50 23.30
C GLN L 7 15.37 -17.27 24.22
N ILE L 8 14.10 -17.35 23.84
CA ILE L 8 13.13 -18.30 24.46
C ILE L 8 12.54 -19.16 23.34
N PHE L 9 12.00 -20.31 23.72
CA PHE L 9 11.35 -21.28 22.82
C PHE L 9 9.84 -21.22 23.06
N VAL L 10 9.08 -21.38 21.99
CA VAL L 10 7.61 -21.58 22.05
C VAL L 10 7.28 -22.89 21.36
N LYS L 11 6.58 -23.77 22.05
CA LYS L 11 6.03 -25.01 21.44
C LYS L 11 4.67 -24.63 20.84
N THR L 12 4.59 -24.57 19.51
CA THR L 12 3.41 -24.10 18.73
C THR L 12 2.28 -25.12 18.89
N LEU L 13 1.09 -24.73 18.46
CA LEU L 13 -0.11 -25.58 18.59
C LEU L 13 0.16 -26.94 17.94
N THR L 14 0.82 -26.98 16.80
CA THR L 14 1.09 -28.24 16.05
C THR L 14 2.30 -29.00 16.62
N GLY L 15 3.01 -28.46 17.60
CA GLY L 15 4.15 -29.13 18.25
C GLY L 15 5.50 -28.69 17.68
N LYS L 16 5.52 -27.85 16.65
CA LYS L 16 6.75 -27.19 16.15
C LYS L 16 7.39 -26.36 17.27
N THR L 17 8.70 -26.41 17.48
CA THR L 17 9.40 -25.48 18.43
C THR L 17 9.94 -24.28 17.65
N ILE L 18 9.57 -23.05 18.02
CA ILE L 18 10.12 -21.81 17.39
C ILE L 18 10.97 -21.05 18.42
N THR L 19 11.88 -20.21 17.94
CA THR L 19 12.79 -19.38 18.78
C THR L 19 12.37 -17.91 18.66
N LEU L 20 12.25 -17.23 19.80
CA LEU L 20 12.02 -15.77 19.85
C LEU L 20 13.22 -15.07 20.49
N GLU L 21 13.58 -13.90 19.98
CA GLU L 21 14.53 -12.95 20.62
C GLU L 21 13.71 -11.98 21.48
N VAL L 22 13.92 -12.02 22.79
CA VAL L 22 13.10 -11.23 23.77
C VAL L 22 14.03 -10.57 24.79
N GLU L 23 13.47 -9.63 25.54
CA GLU L 23 14.11 -8.96 26.71
C GLU L 23 13.29 -9.31 27.93
N PRO L 24 13.91 -9.42 29.13
CA PRO L 24 13.16 -9.70 30.35
C PRO L 24 12.03 -8.69 30.59
N SER L 25 12.19 -7.47 30.07
CA SER L 25 11.20 -6.37 30.25
C SER L 25 10.05 -6.47 29.23
N ASP L 26 10.12 -7.39 28.25
CA ASP L 26 9.02 -7.60 27.27
C ASP L 26 7.77 -8.06 28.00
N THR L 27 6.62 -7.47 27.68
CA THR L 27 5.31 -7.94 28.18
C THR L 27 4.93 -9.22 27.43
N ILE L 28 4.07 -10.01 28.04
CA ILE L 28 3.47 -11.19 27.38
C ILE L 28 2.78 -10.69 26.09
N GLU L 29 2.13 -9.53 26.13
CA GLU L 29 1.51 -8.91 24.92
C GLU L 29 2.56 -8.79 23.79
N ASN L 30 3.77 -8.31 24.12
CA ASN L 30 4.86 -8.15 23.12
C ASN L 30 5.30 -9.53 22.61
N VAL L 31 5.39 -10.53 23.49
CA VAL L 31 5.77 -11.91 23.07
C VAL L 31 4.69 -12.43 22.11
N LYS L 32 3.41 -12.22 22.42
CA LYS L 32 2.32 -12.66 21.51
C LYS L 32 2.44 -11.96 20.15
N ALA L 33 2.84 -10.68 20.10
CA ALA L 33 3.03 -9.94 18.84
C ALA L 33 4.19 -10.58 18.05
N LYS L 34 5.23 -11.08 18.73
CA LYS L 34 6.37 -11.75 18.02
C LYS L 34 5.90 -13.12 17.47
N ILE L 35 5.07 -13.83 18.24
CA ILE L 35 4.53 -15.13 17.76
C ILE L 35 3.61 -14.85 16.57
N GLN L 36 2.83 -13.77 16.62
CA GLN L 36 1.92 -13.41 15.51
C GLN L 36 2.75 -13.18 14.23
N ASP L 37 3.90 -12.52 14.33
CA ASP L 37 4.79 -12.26 13.16
C ASP L 37 5.32 -13.60 12.62
N LYS L 38 5.66 -14.53 13.51
CA LYS L 38 6.25 -15.83 13.08
C LYS L 38 5.16 -16.84 12.65
N GLU L 39 3.96 -16.81 13.24
CA GLU L 39 2.98 -17.92 13.08
C GLU L 39 1.63 -17.44 12.54
N GLY L 40 1.38 -16.13 12.49
CA GLY L 40 0.12 -15.53 12.02
C GLY L 40 -1.05 -15.84 12.93
N ILE L 41 -0.79 -16.08 14.22
CA ILE L 41 -1.88 -16.26 15.25
C ILE L 41 -2.12 -14.91 15.93
N PRO L 42 -3.31 -14.33 15.86
CA PRO L 42 -3.59 -13.07 16.56
C PRO L 42 -3.36 -13.26 18.06
N PRO L 43 -2.75 -12.28 18.76
CA PRO L 43 -2.52 -12.40 20.21
C PRO L 43 -3.76 -12.76 21.04
N ASP L 44 -4.95 -12.28 20.66
CA ASP L 44 -6.23 -12.58 21.36
C ASP L 44 -6.52 -14.09 21.31
N GLN L 45 -5.99 -14.84 20.33
CA GLN L 45 -6.25 -16.31 20.23
C GLN L 45 -5.08 -17.10 20.83
N GLN L 46 -4.05 -16.42 21.32
CA GLN L 46 -2.89 -17.11 21.95
C GLN L 46 -3.12 -17.24 23.46
N ARG L 47 -2.89 -18.43 23.98
CA ARG L 47 -2.76 -18.65 25.44
C ARG L 47 -1.40 -19.29 25.69
N LEU L 48 -0.52 -18.57 26.36
CA LEU L 48 0.84 -19.07 26.65
C LEU L 48 0.86 -19.64 28.06
N ILE L 49 1.47 -20.80 28.20
CA ILE L 49 1.49 -21.55 29.49
C ILE L 49 2.95 -21.85 29.84
N PHE L 50 3.30 -21.68 31.11
CA PHE L 50 4.57 -22.16 31.70
C PHE L 50 4.25 -22.70 33.10
N ALA L 51 4.79 -23.87 33.42
CA ALA L 51 4.62 -24.57 34.71
C ALA L 51 3.12 -24.65 35.03
N GLY L 52 2.31 -24.97 34.02
CA GLY L 52 0.88 -25.27 34.21
C GLY L 52 0.02 -24.03 34.39
N LYS L 53 0.58 -22.82 34.24
CA LYS L 53 -0.20 -21.57 34.41
C LYS L 53 -0.17 -20.72 33.13
N GLN L 54 -1.29 -20.07 32.83
CA GLN L 54 -1.41 -19.11 31.72
C GLN L 54 -0.61 -17.86 32.08
N LEU L 55 0.01 -17.22 31.08
CA LEU L 55 0.72 -15.94 31.25
C LEU L 55 -0.19 -14.77 30.86
N GLU L 56 -0.32 -13.78 31.74
CA GLU L 56 -1.21 -12.60 31.57
C GLU L 56 -0.49 -11.53 30.73
N ASP L 57 -1.23 -10.91 29.83
CA ASP L 57 -0.74 -9.97 28.77
C ASP L 57 0.06 -8.81 29.36
N GLY L 58 -0.40 -8.25 30.49
CA GLY L 58 0.16 -7.02 31.09
C GLY L 58 1.44 -7.28 31.88
N ARG L 59 1.78 -8.54 32.14
CA ARG L 59 2.98 -8.90 32.95
C ARG L 59 4.18 -9.06 32.02
N THR L 60 5.39 -9.00 32.55
CA THR L 60 6.66 -9.16 31.78
C THR L 60 7.20 -10.58 31.95
N LEU L 61 8.16 -10.94 31.12
CA LEU L 61 8.90 -12.23 31.23
C LEU L 61 9.57 -12.30 32.61
N SER L 62 10.19 -11.20 33.05
CA SER L 62 10.87 -11.11 34.38
C SER L 62 9.84 -11.34 35.51
N ASP L 63 8.62 -10.80 35.37
CA ASP L 63 7.54 -11.00 36.38
C ASP L 63 7.27 -12.49 36.60
N TYR L 64 7.42 -13.32 35.56
CA TYR L 64 7.15 -14.79 35.63
C TYR L 64 8.44 -15.57 35.87
N ASN L 65 9.56 -14.87 36.08
CA ASN L 65 10.90 -15.50 36.27
C ASN L 65 11.16 -16.44 35.08
N ILE L 66 10.80 -15.99 33.87
CA ILE L 66 11.10 -16.70 32.61
C ILE L 66 12.54 -16.34 32.23
N GLN L 67 13.42 -17.34 32.26
CA GLN L 67 14.88 -17.18 32.06
C GLN L 67 15.24 -17.60 30.63
N LYS L 68 16.50 -17.35 30.24
CA LYS L 68 17.06 -17.70 28.91
C LYS L 68 16.77 -19.17 28.58
N GLU L 69 16.34 -19.46 27.35
CA GLU L 69 16.08 -20.83 26.80
C GLU L 69 14.96 -21.52 27.59
N SER L 70 14.11 -20.77 28.29
CA SER L 70 12.80 -21.28 28.80
C SER L 70 11.93 -21.67 27.59
N THR L 71 11.03 -22.65 27.76
CA THR L 71 10.07 -23.04 26.69
C THR L 71 8.68 -22.68 27.16
N LEU L 72 7.98 -21.84 26.40
CA LEU L 72 6.56 -21.55 26.65
C LEU L 72 5.75 -22.52 25.79
N HIS L 73 4.56 -22.86 26.25
CA HIS L 73 3.64 -23.79 25.55
C HIS L 73 2.49 -22.96 25.03
N LEU L 74 2.31 -22.96 23.72
CA LEU L 74 1.19 -22.20 23.12
C LEU L 74 0.00 -23.15 22.99
N VAL L 75 -1.14 -22.72 23.52
CA VAL L 75 -2.43 -23.41 23.27
C VAL L 75 -3.38 -22.35 22.76
N LEU L 76 -4.64 -22.70 22.57
CA LEU L 76 -5.62 -21.72 22.06
C LEU L 76 -6.29 -21.03 23.24
N ARG L 77 -6.72 -19.79 23.01
CA ARG L 77 -7.58 -19.05 23.97
C ARG L 77 -8.71 -20.00 24.40
N LEU L 78 -8.95 -20.11 25.70
CA LEU L 78 -10.00 -21.01 26.23
C LEU L 78 -10.71 -20.26 27.35
N ARG L 79 -11.88 -20.74 27.71
CA ARG L 79 -12.69 -20.15 28.80
C ARG L 79 -13.38 -21.31 29.52
N GLY L 80 -13.05 -21.50 30.80
CA GLY L 80 -13.85 -22.33 31.72
C GLY L 80 -15.26 -21.81 31.79
N GLY L 81 -16.23 -22.67 32.08
CA GLY L 81 -17.67 -22.33 32.10
C GLY L 81 -18.46 -23.33 32.92
ZN ZN M . 6.83 33.90 -4.80
ZN ZN N . 5.39 19.69 -11.40
ZN ZN O . -15.08 15.59 -4.41
ZN ZN P . -14.34 29.92 -11.11
ZN ZN Q . 11.88 -13.42 -2.65
ZN ZN R . 0.14 -20.28 -10.92
CL CL S . 17.71 -5.59 -34.33
ZN ZN T . -5.97 -34.37 5.52
ZN ZN U . -5.52 -19.28 10.28
#